data_3TSC
#
_entry.id   3TSC
#
_cell.length_a   57.980
_cell.length_b   127.170
_cell.length_c   69.690
_cell.angle_alpha   90.000
_cell.angle_beta   104.490
_cell.angle_gamma   90.000
#
_symmetry.space_group_name_H-M   'P 1 21 1'
#
loop_
_entity.id
_entity.type
_entity.pdbx_description
1 polymer 'Putative oxidoreductase'
2 non-polymer NICOTINAMIDE-ADENINE-DINUCLEOTIDE
3 non-polymer (4S)-2-METHYL-2,4-PENTANEDIOL
4 water water
#
_entity_poly.entity_id   1
_entity_poly.type   'polypeptide(L)'
_entity_poly.pdbx_seq_one_letter_code
;GPGSMAGKLEGRVAFITGAARGQGRAHAVRMAAEGADIIAVDIAGKLPSCVPYDPASPDDLSETVRLVEAANRRIVAAVV
DTRDFDRLRKVVDDGVAALGRLDIIVANAGVAAPQAWDDITPEDFRDVMDINVTGTWNTVMAGAPRIIEGGRGGSIILIS
SAAGMKMQPFMIHYTASKHAVTGLARAFAAELGKHSIRVNSVHPGPVNTPMGSGDMVTAVGQAMETNPQLSHVLTPFLPD
WVAEPEDIADTVCWLASDESRKVTAAQIPVDQGSTQY
;
_entity_poly.pdbx_strand_id   A,B,C,D
#
loop_
_chem_comp.id
_chem_comp.type
_chem_comp.name
_chem_comp.formula
MPD non-polymer (4S)-2-METHYL-2,4-PENTANEDIOL 'C6 H14 O2'
NAD non-polymer NICOTINAMIDE-ADENINE-DINUCLEOTIDE 'C21 H27 N7 O14 P2'
#
# COMPACT_ATOMS: atom_id res chain seq x y z
N GLY A 7 34.11 -11.13 -2.78
CA GLY A 7 32.85 -11.70 -2.17
C GLY A 7 32.07 -10.73 -1.28
N LYS A 8 30.77 -10.55 -1.55
CA LYS A 8 29.97 -9.55 -0.82
C LYS A 8 29.70 -9.91 0.67
N LEU A 9 29.85 -11.20 0.99
CA LEU A 9 29.52 -11.68 2.32
C LEU A 9 30.69 -12.45 2.97
N GLU A 10 31.92 -12.11 2.56
CA GLU A 10 33.12 -12.71 3.11
C GLU A 10 33.13 -12.54 4.62
N GLY A 11 33.26 -13.65 5.32
CA GLY A 11 33.36 -13.61 6.75
C GLY A 11 32.02 -13.67 7.46
N ARG A 12 30.93 -13.59 6.70
CA ARG A 12 29.60 -13.53 7.32
C ARG A 12 29.06 -14.94 7.57
N VAL A 13 28.04 -15.03 8.43
CA VAL A 13 27.31 -16.30 8.64
C VAL A 13 25.81 -16.09 8.45
N ALA A 14 25.24 -16.94 7.61
CA ALA A 14 23.83 -16.93 7.30
C ALA A 14 23.08 -18.17 7.80
N PHE A 15 21.89 -17.95 8.35
CA PHE A 15 20.98 -18.99 8.85
C PHE A 15 19.80 -19.01 7.89
N ILE A 16 19.62 -20.14 7.18
CA ILE A 16 18.65 -20.30 6.10
C ILE A 16 17.72 -21.51 6.35
N THR A 17 16.39 -21.29 6.34
CA THR A 17 15.42 -22.37 6.60
C THR A 17 14.84 -22.87 5.26
N GLY A 18 14.33 -24.10 5.22
CA GLY A 18 13.84 -24.66 3.94
C GLY A 18 14.98 -24.79 2.92
N ALA A 19 16.17 -25.15 3.43
CA ALA A 19 17.40 -25.20 2.65
C ALA A 19 17.56 -26.45 1.79
N ALA A 20 16.69 -27.43 1.94
CA ALA A 20 16.93 -28.74 1.29
C ALA A 20 16.81 -28.71 -0.24
N ARG A 21 16.14 -27.67 -0.75
CA ARG A 21 15.86 -27.58 -2.18
C ARG A 21 15.33 -26.18 -2.53
N GLY A 22 14.96 -26.01 -3.81
CA GLY A 22 14.25 -24.81 -4.25
C GLY A 22 14.97 -23.53 -3.88
N GLN A 23 14.22 -22.56 -3.41
CA GLN A 23 14.79 -21.23 -3.15
C GLN A 23 15.80 -21.24 -2.01
N GLY A 24 15.50 -22.02 -0.97
CA GLY A 24 16.39 -22.11 0.19
C GLY A 24 17.75 -22.66 -0.17
N ARG A 25 17.79 -23.67 -1.04
CA ARG A 25 19.06 -24.19 -1.53
C ARG A 25 19.79 -23.11 -2.33
N ALA A 26 19.05 -22.40 -3.19
CA ALA A 26 19.64 -21.35 -4.01
C ALA A 26 20.23 -20.23 -3.15
N HIS A 27 19.57 -19.86 -2.05
CA HIS A 27 20.19 -18.93 -1.08
C HIS A 27 21.46 -19.45 -0.49
N ALA A 28 21.48 -20.72 -0.10
CA ALA A 28 22.67 -21.32 0.50
C ALA A 28 23.88 -21.30 -0.46
N VAL A 29 23.63 -21.74 -1.69
CA VAL A 29 24.62 -21.83 -2.74
C VAL A 29 25.16 -20.45 -3.07
N ARG A 30 24.26 -19.47 -3.16
CA ARG A 30 24.65 -18.12 -3.53
C ARG A 30 25.47 -17.45 -2.43
N MET A 31 24.98 -17.52 -1.19
CA MET A 31 25.65 -16.83 -0.11
C MET A 31 26.99 -17.53 0.15
N ALA A 32 27.03 -18.85 -0.07
CA ALA A 32 28.32 -19.58 -0.06
C ALA A 32 29.29 -19.03 -1.12
N ALA A 33 28.79 -18.79 -2.32
CA ALA A 33 29.61 -18.23 -3.39
C ALA A 33 30.13 -16.84 -3.04
N GLU A 34 29.39 -16.09 -2.23
CA GLU A 34 29.75 -14.75 -1.83
C GLU A 34 30.63 -14.74 -0.57
N GLY A 35 30.99 -15.93 -0.06
CA GLY A 35 31.91 -16.03 1.07
C GLY A 35 31.35 -16.30 2.46
N ALA A 36 30.04 -16.49 2.58
CA ALA A 36 29.44 -16.77 3.87
C ALA A 36 29.46 -18.24 4.25
N ASP A 37 29.61 -18.50 5.54
CA ASP A 37 29.29 -19.82 6.07
C ASP A 37 27.82 -19.89 6.45
N ILE A 38 27.30 -21.11 6.60
CA ILE A 38 25.86 -21.33 6.54
C ILE A 38 25.39 -22.22 7.68
N ILE A 39 24.26 -21.85 8.29
CA ILE A 39 23.50 -22.72 9.16
C ILE A 39 22.23 -23.01 8.39
N ALA A 40 22.05 -24.29 8.01
CA ALA A 40 20.96 -24.70 7.10
C ALA A 40 20.04 -25.73 7.77
N VAL A 41 18.73 -25.46 7.80
CA VAL A 41 17.77 -26.47 8.30
C VAL A 41 16.62 -26.73 7.30
N ASP A 42 16.08 -27.93 7.39
CA ASP A 42 14.90 -28.28 6.65
C ASP A 42 14.16 -29.39 7.40
N ILE A 43 12.84 -29.37 7.28
CA ILE A 43 12.00 -30.40 7.85
C ILE A 43 12.30 -31.78 7.21
N ALA A 44 12.68 -31.75 5.93
CA ALA A 44 13.12 -32.93 5.20
C ALA A 44 12.20 -34.14 5.48
N GLY A 45 10.91 -33.90 5.44
CA GLY A 45 9.93 -34.94 5.68
C GLY A 45 8.53 -34.43 5.46
N LYS A 46 7.56 -35.17 5.97
CA LYS A 46 6.13 -35.01 5.63
C LYS A 46 5.58 -33.63 5.86
N LEU A 47 4.83 -33.14 4.88
CA LEU A 47 4.18 -31.84 4.98
C LEU A 47 2.69 -32.03 5.31
N PRO A 48 1.95 -30.95 5.60
CA PRO A 48 0.53 -31.17 5.97
C PRO A 48 -0.26 -31.80 4.80
N SER A 49 -1.35 -32.48 5.09
CA SER A 49 -2.08 -33.21 4.05
C SER A 49 -2.73 -32.33 2.97
N CYS A 50 -2.95 -31.04 3.23
CA CYS A 50 -3.49 -30.15 2.19
C CYS A 50 -2.43 -29.75 1.16
N VAL A 51 -1.18 -30.09 1.44
CA VAL A 51 -0.08 -29.73 0.53
C VAL A 51 -0.03 -30.77 -0.62
N PRO A 52 -0.19 -30.32 -1.89
CA PRO A 52 -0.33 -31.38 -2.91
C PRO A 52 0.99 -31.89 -3.53
N TYR A 53 2.12 -31.24 -3.28
CA TYR A 53 3.37 -31.59 -3.98
C TYR A 53 4.22 -32.48 -3.10
N ASP A 54 5.33 -32.93 -3.64
CA ASP A 54 6.15 -33.90 -2.92
C ASP A 54 7.04 -33.22 -1.86
N PRO A 55 7.22 -33.87 -0.70
CA PRO A 55 8.06 -33.36 0.39
C PRO A 55 9.54 -33.40 0.00
N ALA A 56 10.40 -32.67 0.72
CA ALA A 56 11.86 -32.85 0.58
C ALA A 56 12.34 -34.07 1.38
N SER A 57 13.58 -34.49 1.17
CA SER A 57 14.14 -35.59 1.99
C SER A 57 15.48 -35.23 2.62
N PRO A 58 15.93 -35.97 3.66
CA PRO A 58 17.30 -35.86 4.16
C PRO A 58 18.40 -35.81 3.07
N ASP A 59 18.26 -36.66 2.04
CA ASP A 59 19.14 -36.68 0.89
C ASP A 59 19.17 -35.34 0.17
N ASP A 60 18.03 -34.69 0.02
CA ASP A 60 17.99 -33.34 -0.60
C ASP A 60 18.84 -32.35 0.20
N LEU A 61 18.65 -32.33 1.51
CA LEU A 61 19.46 -31.45 2.36
C LEU A 61 20.97 -31.80 2.26
N SER A 62 21.30 -33.10 2.20
CA SER A 62 22.69 -33.54 2.04
CA SER A 62 22.69 -33.54 2.04
C SER A 62 23.33 -32.98 0.76
N GLU A 63 22.53 -32.85 -0.28
CA GLU A 63 22.98 -32.32 -1.55
C GLU A 63 23.27 -30.81 -1.46
N THR A 64 22.39 -30.07 -0.78
CA THR A 64 22.66 -28.66 -0.47
C THR A 64 24.01 -28.50 0.26
N VAL A 65 24.23 -29.38 1.24
CA VAL A 65 25.48 -29.38 2.02
C VAL A 65 26.71 -29.52 1.09
N ARG A 66 26.64 -30.48 0.16
CA ARG A 66 27.76 -30.71 -0.75
C ARG A 66 27.99 -29.51 -1.67
N LEU A 67 26.91 -28.92 -2.21
CA LEU A 67 27.03 -27.71 -3.03
C LEU A 67 27.68 -26.56 -2.25
N VAL A 68 27.26 -26.37 -1.00
CA VAL A 68 27.92 -25.38 -0.13
C VAL A 68 29.40 -25.72 0.14
N GLU A 69 29.68 -26.98 0.48
CA GLU A 69 31.08 -27.41 0.65
C GLU A 69 31.95 -27.26 -0.61
N ALA A 70 31.38 -27.55 -1.78
CA ALA A 70 32.01 -27.30 -3.05
C ALA A 70 32.50 -25.83 -3.24
N ALA A 71 31.87 -24.87 -2.56
CA ALA A 71 32.28 -23.48 -2.68
C ALA A 71 33.29 -23.13 -1.58
N ASN A 72 33.86 -24.16 -0.97
CA ASN A 72 34.87 -24.01 0.10
C ASN A 72 34.38 -23.29 1.35
N ARG A 73 33.09 -23.43 1.64
CA ARG A 73 32.54 -22.84 2.84
C ARG A 73 32.17 -23.89 3.86
N ARG A 74 32.04 -23.45 5.10
CA ARG A 74 31.58 -24.31 6.16
C ARG A 74 30.06 -24.26 6.31
N ILE A 75 29.48 -25.36 6.75
CA ILE A 75 28.03 -25.43 6.85
C ILE A 75 27.61 -26.35 7.97
N VAL A 76 26.74 -25.85 8.82
CA VAL A 76 26.12 -26.67 9.88
C VAL A 76 24.69 -26.89 9.41
N ALA A 77 24.32 -28.14 9.16
CA ALA A 77 22.98 -28.46 8.67
C ALA A 77 22.26 -29.43 9.59
N ALA A 78 20.94 -29.31 9.66
CA ALA A 78 20.16 -30.19 10.54
C ALA A 78 18.73 -30.36 10.04
N VAL A 79 18.17 -31.53 10.31
CA VAL A 79 16.79 -31.80 10.01
C VAL A 79 15.98 -31.23 11.15
N VAL A 80 15.20 -30.19 10.87
CA VAL A 80 14.34 -29.62 11.90
C VAL A 80 13.16 -28.87 11.34
N ASP A 81 12.03 -29.04 12.01
CA ASP A 81 10.79 -28.34 11.73
C ASP A 81 10.90 -26.96 12.36
N THR A 82 10.72 -25.90 11.57
CA THR A 82 10.67 -24.54 12.15
C THR A 82 9.53 -24.33 13.16
N ARG A 83 8.54 -25.21 13.19
CA ARG A 83 7.54 -25.16 14.25
C ARG A 83 8.09 -25.64 15.59
N ASP A 84 9.26 -26.29 15.56
CA ASP A 84 9.88 -26.85 16.77
C ASP A 84 10.83 -25.81 17.36
N PHE A 85 10.31 -24.88 18.15
CA PHE A 85 11.13 -23.75 18.59
C PHE A 85 12.37 -24.15 19.39
N ASP A 86 12.22 -25.09 20.31
CA ASP A 86 13.38 -25.53 21.10
C ASP A 86 14.50 -26.14 20.27
N ARG A 87 14.18 -27.01 19.31
CA ARG A 87 15.24 -27.62 18.51
C ARG A 87 15.86 -26.60 17.57
N LEU A 88 15.06 -25.66 17.07
CA LEU A 88 15.56 -24.64 16.16
C LEU A 88 16.59 -23.76 16.90
N ARG A 89 16.25 -23.39 18.14
CA ARG A 89 17.16 -22.57 18.94
C ARG A 89 18.46 -23.33 19.26
N LYS A 90 18.39 -24.61 19.55
CA LYS A 90 19.63 -25.32 19.83
C LYS A 90 20.51 -25.46 18.55
N VAL A 91 19.88 -25.78 17.42
CA VAL A 91 20.61 -25.84 16.14
C VAL A 91 21.33 -24.52 15.79
N VAL A 92 20.65 -23.40 15.94
CA VAL A 92 21.30 -22.09 15.79
C VAL A 92 22.45 -21.91 16.77
N ASP A 93 22.18 -22.19 18.05
CA ASP A 93 23.19 -22.08 19.09
C ASP A 93 24.43 -22.95 18.78
N ASP A 94 24.21 -24.16 18.27
CA ASP A 94 25.29 -25.07 17.88
C ASP A 94 26.06 -24.47 16.70
N GLY A 95 25.32 -23.99 15.70
CA GLY A 95 25.93 -23.39 14.53
C GLY A 95 26.80 -22.20 14.88
N VAL A 96 26.33 -21.39 15.82
CA VAL A 96 27.03 -20.15 16.15
C VAL A 96 28.29 -20.45 16.96
N ALA A 97 28.18 -21.45 17.85
CA ALA A 97 29.35 -22.00 18.55
C ALA A 97 30.39 -22.53 17.56
N ALA A 98 29.97 -23.21 16.51
CA ALA A 98 30.89 -23.77 15.53
C ALA A 98 31.50 -22.71 14.59
N LEU A 99 30.67 -21.76 14.16
CA LEU A 99 31.06 -20.85 13.11
C LEU A 99 31.50 -19.48 13.64
N GLY A 100 31.17 -19.18 14.89
CA GLY A 100 31.70 -17.95 15.51
C GLY A 100 30.80 -16.73 15.58
N ARG A 101 29.71 -16.70 14.81
CA ARG A 101 28.86 -15.49 14.72
C ARG A 101 27.59 -15.77 13.91
N LEU A 102 26.65 -14.83 13.89
CA LEU A 102 25.47 -14.92 12.99
C LEU A 102 25.16 -13.52 12.49
N ASP A 103 25.06 -13.34 11.17
CA ASP A 103 24.83 -12.00 10.58
C ASP A 103 23.52 -11.88 9.82
N ILE A 104 23.11 -12.99 9.22
CA ILE A 104 22.04 -13.02 8.22
C ILE A 104 21.03 -14.12 8.57
N ILE A 105 19.74 -13.79 8.47
CA ILE A 105 18.66 -14.79 8.57
C ILE A 105 17.82 -14.76 7.30
N VAL A 106 17.60 -15.93 6.70
CA VAL A 106 16.63 -16.08 5.61
C VAL A 106 15.55 -17.04 6.10
N ALA A 107 14.38 -16.49 6.45
CA ALA A 107 13.25 -17.31 6.91
C ALA A 107 12.40 -17.68 5.69
N ASN A 108 12.75 -18.82 5.09
CA ASN A 108 12.30 -19.22 3.75
C ASN A 108 11.37 -20.43 3.77
N ALA A 109 11.52 -21.34 4.74
CA ALA A 109 10.63 -22.48 4.92
C ALA A 109 9.16 -22.03 4.89
N GLY A 110 8.39 -22.67 4.02
CA GLY A 110 6.98 -22.40 3.91
C GLY A 110 6.34 -23.43 3.00
N VAL A 111 5.01 -23.49 3.05
CA VAL A 111 4.18 -24.39 2.20
C VAL A 111 3.02 -23.63 1.54
N ALA A 112 2.48 -24.23 0.46
CA ALA A 112 1.35 -23.71 -0.31
C ALA A 112 0.37 -24.87 -0.59
N ALA A 113 -0.92 -24.54 -0.55
CA ALA A 113 -1.99 -25.52 -0.67
C ALA A 113 -3.24 -24.89 -1.33
N PRO A 114 -3.38 -25.06 -2.65
CA PRO A 114 -4.58 -24.55 -3.32
C PRO A 114 -5.80 -25.33 -2.86
N GLN A 115 -6.80 -24.61 -2.37
CA GLN A 115 -8.05 -25.20 -1.88
C GLN A 115 -9.17 -24.17 -2.05
N ALA A 116 -10.35 -24.60 -2.49
CA ALA A 116 -11.54 -23.75 -2.46
C ALA A 116 -11.75 -23.33 -1.02
N TRP A 117 -12.16 -22.09 -0.82
CA TRP A 117 -12.31 -21.52 0.54
C TRP A 117 -13.12 -22.44 1.47
N ASP A 118 -14.15 -23.06 0.93
CA ASP A 118 -15.00 -23.92 1.75
C ASP A 118 -14.55 -25.40 1.85
N ASP A 119 -13.39 -25.71 1.27
CA ASP A 119 -12.74 -27.03 1.46
C ASP A 119 -11.59 -26.98 2.51
N ILE A 120 -11.28 -25.79 2.98
CA ILE A 120 -10.24 -25.64 4.00
C ILE A 120 -10.84 -26.03 5.34
N THR A 121 -10.33 -27.12 5.94
CA THR A 121 -10.78 -27.53 7.28
C THR A 121 -10.03 -26.71 8.35
N PRO A 122 -10.52 -26.69 9.62
CA PRO A 122 -9.72 -26.07 10.68
C PRO A 122 -8.28 -26.60 10.78
N GLU A 123 -8.09 -27.91 10.66
CA GLU A 123 -6.73 -28.47 10.66
C GLU A 123 -5.85 -27.94 9.51
N ASP A 124 -6.41 -27.85 8.30
CA ASP A 124 -5.71 -27.27 7.16
C ASP A 124 -5.31 -25.84 7.48
N PHE A 125 -6.25 -25.05 7.98
CA PHE A 125 -5.95 -23.64 8.21
C PHE A 125 -4.82 -23.56 9.27
N ARG A 126 -4.95 -24.36 10.31
CA ARG A 126 -3.95 -24.40 11.37
C ARG A 126 -2.55 -24.77 10.84
N ASP A 127 -2.50 -25.76 9.96
CA ASP A 127 -1.21 -26.31 9.54
C ASP A 127 -0.48 -25.26 8.70
N VAL A 128 -1.23 -24.60 7.81
CA VAL A 128 -0.62 -23.59 6.94
C VAL A 128 -0.14 -22.39 7.77
N MET A 129 -0.97 -21.93 8.70
CA MET A 129 -0.61 -20.80 9.57
C MET A 129 0.58 -21.14 10.46
N ASP A 130 0.59 -22.34 11.03
CA ASP A 130 1.66 -22.73 11.95
C ASP A 130 3.04 -22.71 11.26
N ILE A 131 3.11 -23.25 10.06
CA ILE A 131 4.37 -23.29 9.30
C ILE A 131 4.74 -21.89 8.83
N ASN A 132 3.84 -21.25 8.08
CA ASN A 132 4.20 -20.01 7.41
C ASN A 132 4.36 -18.81 8.32
N VAL A 133 3.68 -18.80 9.46
CA VAL A 133 3.75 -17.63 10.34
C VAL A 133 4.56 -17.97 11.60
N THR A 134 4.08 -18.96 12.36
CA THR A 134 4.78 -19.31 13.60
C THR A 134 6.21 -19.79 13.31
N GLY A 135 6.39 -20.59 12.25
CA GLY A 135 7.74 -21.08 11.92
C GLY A 135 8.68 -19.93 11.60
N THR A 136 8.15 -18.94 10.88
CA THR A 136 8.86 -17.74 10.51
C THR A 136 9.23 -16.94 11.78
N TRP A 137 8.25 -16.77 12.66
CA TRP A 137 8.49 -16.09 13.93
C TRP A 137 9.50 -16.85 14.78
N ASN A 138 9.42 -18.17 14.82
CA ASN A 138 10.38 -18.99 15.63
C ASN A 138 11.83 -18.79 15.12
N THR A 139 11.93 -18.69 13.80
CA THR A 139 13.20 -18.54 13.09
C THR A 139 13.88 -17.22 13.51
N VAL A 140 13.11 -16.13 13.54
CA VAL A 140 13.66 -14.86 14.01
C VAL A 140 14.02 -14.94 15.51
N MET A 141 13.17 -15.55 16.33
CA MET A 141 13.46 -15.63 17.77
C MET A 141 14.72 -16.46 18.06
N ALA A 142 14.96 -17.47 17.23
CA ALA A 142 16.16 -18.31 17.42
C ALA A 142 17.44 -17.61 16.94
N GLY A 143 17.35 -16.79 15.90
CA GLY A 143 18.55 -16.16 15.38
C GLY A 143 18.91 -14.78 15.94
N ALA A 144 17.92 -13.90 16.05
CA ALA A 144 18.13 -12.48 16.38
C ALA A 144 18.97 -12.24 17.66
N PRO A 145 18.74 -13.03 18.74
CA PRO A 145 19.63 -12.89 19.92
C PRO A 145 21.12 -13.11 19.59
N ARG A 146 21.42 -13.97 18.61
CA ARG A 146 22.83 -14.24 18.34
C ARG A 146 23.41 -13.13 17.45
N ILE A 147 22.58 -12.53 16.60
CA ILE A 147 22.99 -11.35 15.83
C ILE A 147 23.30 -10.22 16.82
N ILE A 148 22.39 -9.99 17.76
CA ILE A 148 22.56 -8.89 18.73
C ILE A 148 23.85 -9.06 19.54
N GLU A 149 24.06 -10.27 20.04
CA GLU A 149 25.30 -10.72 20.71
C GLU A 149 26.60 -10.29 20.03
N GLY A 150 26.62 -10.34 18.69
CA GLY A 150 27.85 -10.01 17.97
C GLY A 150 28.16 -8.54 17.93
N GLY A 151 27.11 -7.70 18.06
CA GLY A 151 27.24 -6.23 18.08
C GLY A 151 27.70 -5.62 16.74
N ARG A 152 27.40 -6.30 15.64
CA ARG A 152 27.86 -5.92 14.31
C ARG A 152 26.72 -5.45 13.40
N GLY A 153 25.49 -5.39 13.93
CA GLY A 153 24.35 -5.21 13.05
C GLY A 153 24.04 -6.49 12.30
N GLY A 154 23.09 -6.44 11.37
CA GLY A 154 22.81 -7.63 10.57
C GLY A 154 21.58 -7.49 9.70
N SER A 155 21.13 -8.59 9.11
CA SER A 155 20.07 -8.49 8.11
C SER A 155 19.20 -9.74 8.09
N ILE A 156 17.90 -9.52 8.30
CA ILE A 156 16.95 -10.59 8.39
C ILE A 156 15.97 -10.44 7.21
N ILE A 157 15.82 -11.53 6.45
CA ILE A 157 14.94 -11.57 5.26
C ILE A 157 13.85 -12.62 5.50
N LEU A 158 12.60 -12.15 5.52
CA LEU A 158 11.45 -13.04 5.63
C LEU A 158 10.86 -13.30 4.23
N ILE A 159 10.69 -14.55 3.84
CA ILE A 159 10.09 -14.80 2.53
C ILE A 159 8.57 -14.85 2.65
N SER A 160 7.92 -13.84 2.06
CA SER A 160 6.49 -13.77 2.04
C SER A 160 6.04 -14.32 0.67
N SER A 161 5.25 -13.56 -0.07
CA SER A 161 4.76 -13.90 -1.40
C SER A 161 4.12 -12.67 -2.00
N ALA A 162 3.91 -12.66 -3.32
CA ALA A 162 3.11 -11.60 -3.93
C ALA A 162 1.74 -11.53 -3.20
N ALA A 163 1.26 -12.72 -2.80
CA ALA A 163 0.02 -12.89 -2.05
C ALA A 163 -0.02 -12.04 -0.78
N GLY A 164 1.15 -11.78 -0.18
CA GLY A 164 1.25 -11.00 1.05
C GLY A 164 1.40 -9.49 0.81
N MET A 165 1.42 -9.09 -0.46
CA MET A 165 1.37 -7.67 -0.81
C MET A 165 0.01 -7.34 -1.37
N LYS A 166 -0.47 -8.22 -2.26
CA LYS A 166 -1.76 -8.02 -2.88
C LYS A 166 -2.66 -9.10 -2.28
N MET A 167 -2.95 -10.12 -3.07
CA MET A 167 -3.61 -11.36 -2.59
C MET A 167 -3.41 -12.46 -3.63
N GLN A 168 -3.66 -13.69 -3.21
CA GLN A 168 -3.74 -14.77 -4.18
C GLN A 168 -5.02 -15.58 -3.90
N PRO A 169 -5.82 -15.86 -4.94
CA PRO A 169 -7.07 -16.57 -4.69
C PRO A 169 -6.85 -18.07 -4.44
N PHE A 170 -7.86 -18.70 -3.84
CA PHE A 170 -7.92 -20.16 -3.65
C PHE A 170 -6.88 -20.69 -2.67
N MET A 171 -6.53 -19.86 -1.68
CA MET A 171 -5.87 -20.37 -0.49
C MET A 171 -5.92 -19.30 0.59
N ILE A 172 -7.05 -19.31 1.31
CA ILE A 172 -7.35 -18.31 2.32
C ILE A 172 -6.23 -18.32 3.36
N HIS A 173 -5.88 -19.50 3.90
CA HIS A 173 -4.75 -19.63 4.84
C HIS A 173 -3.44 -19.05 4.33
N TYR A 174 -3.07 -19.41 3.11
CA TYR A 174 -1.78 -18.98 2.53
C TYR A 174 -1.71 -17.45 2.38
N THR A 175 -2.74 -16.84 1.80
CA THR A 175 -2.75 -15.37 1.67
C THR A 175 -2.68 -14.69 3.05
N ALA A 176 -3.41 -15.26 4.02
CA ALA A 176 -3.41 -14.73 5.39
C ALA A 176 -2.03 -14.84 6.00
N SER A 177 -1.42 -16.04 5.89
CA SER A 177 -0.07 -16.27 6.43
C SER A 177 0.96 -15.35 5.81
N LYS A 178 0.82 -15.07 4.53
CA LYS A 178 1.84 -14.27 3.84
C LYS A 178 1.74 -12.78 4.14
N HIS A 179 0.51 -12.33 4.38
CA HIS A 179 0.25 -11.04 4.96
C HIS A 179 0.79 -10.91 6.38
N ALA A 180 0.59 -11.93 7.22
CA ALA A 180 1.22 -12.00 8.55
C ALA A 180 2.74 -11.81 8.45
N VAL A 181 3.34 -12.40 7.43
CA VAL A 181 4.80 -12.25 7.19
C VAL A 181 5.17 -10.79 6.89
N THR A 182 4.40 -10.10 6.04
CA THR A 182 4.62 -8.64 5.90
C THR A 182 4.65 -7.96 7.28
N GLY A 183 3.69 -8.33 8.15
CA GLY A 183 3.54 -7.72 9.47
C GLY A 183 4.70 -8.04 10.39
N LEU A 184 5.14 -9.30 10.36
CA LEU A 184 6.32 -9.72 11.10
C LEU A 184 7.57 -8.87 10.73
N ALA A 185 7.75 -8.63 9.45
CA ALA A 185 8.92 -7.88 8.99
C ALA A 185 8.96 -6.44 9.48
N ARG A 186 7.84 -5.71 9.30
CA ARG A 186 7.68 -4.37 9.78
C ARG A 186 7.81 -4.28 11.30
N ALA A 187 7.17 -5.21 12.02
CA ALA A 187 7.22 -5.24 13.48
C ALA A 187 8.64 -5.51 13.99
N PHE A 188 9.27 -6.58 13.51
CA PHE A 188 10.66 -6.85 13.92
C PHE A 188 11.62 -5.74 13.46
N ALA A 189 11.41 -5.20 12.26
CA ALA A 189 12.24 -4.06 11.84
C ALA A 189 12.21 -2.91 12.87
N ALA A 190 11.04 -2.63 13.41
CA ALA A 190 10.87 -1.46 14.29
C ALA A 190 11.66 -1.65 15.59
N GLU A 191 11.61 -2.84 16.18
CA GLU A 191 12.27 -3.05 17.47
C GLU A 191 13.72 -3.48 17.37
N LEU A 192 14.10 -4.10 16.27
CA LEU A 192 15.48 -4.55 16.09
C LEU A 192 16.36 -3.50 15.41
N GLY A 193 15.74 -2.46 14.85
CA GLY A 193 16.49 -1.40 14.13
C GLY A 193 17.53 -0.73 15.02
N LYS A 194 17.24 -0.61 16.31
CA LYS A 194 18.20 0.02 17.25
C LYS A 194 19.51 -0.78 17.36
N HIS A 195 19.48 -2.06 16.98
CA HIS A 195 20.70 -2.89 16.90
C HIS A 195 21.38 -2.84 15.57
N SER A 196 20.89 -1.98 14.68
CA SER A 196 21.32 -1.90 13.28
C SER A 196 21.05 -3.24 12.58
N ILE A 197 19.92 -3.85 12.91
CA ILE A 197 19.51 -5.11 12.28
C ILE A 197 18.37 -4.75 11.37
N ARG A 198 18.53 -5.01 10.07
CA ARG A 198 17.49 -4.67 9.10
C ARG A 198 16.58 -5.86 9.00
N VAL A 199 15.28 -5.62 8.84
CA VAL A 199 14.33 -6.69 8.59
C VAL A 199 13.44 -6.35 7.41
N ASN A 200 13.47 -7.20 6.38
CA ASN A 200 12.69 -6.93 5.17
C ASN A 200 11.96 -8.17 4.72
N SER A 201 10.88 -7.98 3.97
CA SER A 201 10.15 -9.13 3.41
C SER A 201 10.29 -9.13 1.89
N VAL A 202 10.31 -10.34 1.32
CA VAL A 202 10.50 -10.54 -0.12
C VAL A 202 9.27 -11.25 -0.65
N HIS A 203 8.76 -10.79 -1.79
CA HIS A 203 7.47 -11.21 -2.30
C HIS A 203 7.57 -11.74 -3.71
N PRO A 204 7.94 -13.02 -3.86
CA PRO A 204 8.02 -13.62 -5.19
C PRO A 204 6.66 -13.87 -5.81
N GLY A 205 6.61 -13.69 -7.13
CA GLY A 205 5.56 -14.33 -7.93
C GLY A 205 5.86 -15.83 -7.97
N PRO A 206 5.26 -16.55 -8.92
CA PRO A 206 5.57 -17.94 -9.11
C PRO A 206 7.07 -18.14 -9.32
N VAL A 207 7.60 -19.19 -8.70
CA VAL A 207 9.03 -19.48 -8.79
C VAL A 207 9.16 -20.96 -9.24
N ASN A 208 10.10 -21.22 -10.14
CA ASN A 208 10.37 -22.54 -10.69
C ASN A 208 11.08 -23.49 -9.69
N THR A 209 10.31 -24.05 -8.77
CA THR A 209 10.82 -24.95 -7.74
C THR A 209 9.90 -26.18 -7.63
N PRO A 210 10.29 -27.18 -6.78
CA PRO A 210 9.46 -28.39 -6.58
C PRO A 210 8.09 -28.13 -5.93
N MET A 211 7.90 -26.92 -5.38
CA MET A 211 6.55 -26.47 -4.96
C MET A 211 5.56 -26.44 -6.12
N GLY A 212 6.10 -26.19 -7.32
CA GLY A 212 5.29 -25.98 -8.51
C GLY A 212 5.32 -27.22 -9.37
N SER A 213 5.36 -28.39 -8.74
CA SER A 213 5.37 -29.68 -9.43
C SER A 213 4.09 -29.90 -10.24
N GLY A 214 4.08 -30.98 -11.02
CA GLY A 214 2.86 -31.48 -11.66
C GLY A 214 1.72 -31.52 -10.65
N ASP A 215 1.89 -32.29 -9.56
CA ASP A 215 0.83 -32.40 -8.52
C ASP A 215 0.18 -31.06 -8.11
N MET A 216 1.02 -30.05 -7.93
CA MET A 216 0.56 -28.68 -7.68
C MET A 216 -0.34 -28.16 -8.81
N VAL A 217 0.12 -28.29 -10.05
CA VAL A 217 -0.61 -27.80 -11.24
C VAL A 217 -2.06 -28.31 -11.28
N THR A 218 -2.22 -29.61 -11.06
CA THR A 218 -3.52 -30.26 -10.89
C THR A 218 -4.36 -29.61 -9.82
N ALA A 219 -3.78 -29.45 -8.62
CA ALA A 219 -4.46 -28.75 -7.54
C ALA A 219 -4.87 -27.32 -7.94
N VAL A 220 -3.97 -26.59 -8.58
CA VAL A 220 -4.29 -25.21 -8.98
C VAL A 220 -5.45 -25.23 -9.98
N GLY A 221 -5.40 -26.15 -10.95
CA GLY A 221 -6.49 -26.26 -11.95
C GLY A 221 -7.84 -26.55 -11.31
N GLN A 222 -7.85 -27.46 -10.34
CA GLN A 222 -9.07 -27.81 -9.62
C GLN A 222 -9.69 -26.62 -8.87
N ALA A 223 -8.85 -25.88 -8.14
CA ALA A 223 -9.35 -24.72 -7.40
C ALA A 223 -9.89 -23.66 -8.37
N MET A 224 -9.14 -23.39 -9.44
CA MET A 224 -9.53 -22.40 -10.44
C MET A 224 -10.92 -22.65 -11.02
N GLU A 225 -11.29 -23.93 -11.21
CA GLU A 225 -12.60 -24.30 -11.76
C GLU A 225 -13.75 -23.74 -10.90
N THR A 226 -13.50 -23.53 -9.61
CA THR A 226 -14.52 -23.01 -8.71
C THR A 226 -14.81 -21.52 -8.92
N ASN A 227 -13.91 -20.82 -9.60
CA ASN A 227 -14.13 -19.38 -9.91
C ASN A 227 -13.24 -18.87 -11.07
N PRO A 228 -13.66 -19.15 -12.32
CA PRO A 228 -12.91 -18.72 -13.52
C PRO A 228 -12.53 -17.24 -13.58
N GLN A 229 -13.39 -16.37 -13.06
CA GLN A 229 -13.14 -14.94 -13.08
C GLN A 229 -11.82 -14.53 -12.34
N LEU A 230 -11.35 -15.36 -11.40
CA LEU A 230 -10.15 -15.07 -10.63
C LEU A 230 -8.84 -15.55 -11.32
N SER A 231 -8.94 -15.88 -12.60
CA SER A 231 -7.88 -16.58 -13.33
C SER A 231 -6.60 -15.79 -13.62
N HIS A 232 -6.70 -14.48 -13.61
CA HIS A 232 -5.63 -13.61 -14.09
C HIS A 232 -4.99 -12.77 -13.01
N VAL A 233 -5.13 -13.19 -11.75
CA VAL A 233 -4.54 -12.44 -10.62
C VAL A 233 -2.99 -12.42 -10.68
N LEU A 234 -2.39 -13.47 -11.23
CA LEU A 234 -0.93 -13.54 -11.32
C LEU A 234 -0.35 -13.10 -12.67
N THR A 235 -1.05 -12.27 -13.42
CA THR A 235 -0.57 -11.87 -14.74
C THR A 235 0.58 -10.86 -14.60
N PRO A 236 1.71 -11.13 -15.25
CA PRO A 236 2.88 -10.24 -15.21
C PRO A 236 2.81 -9.10 -16.26
N PHE A 237 3.60 -8.06 -16.07
CA PHE A 237 3.89 -7.02 -17.10
C PHE A 237 5.00 -7.44 -18.05
N LEU A 238 5.98 -8.19 -17.53
CA LEU A 238 7.03 -8.82 -18.35
C LEU A 238 6.48 -10.04 -19.10
N PRO A 239 7.25 -10.57 -20.07
CA PRO A 239 6.73 -11.74 -20.79
C PRO A 239 6.72 -13.04 -19.96
N ASP A 240 7.55 -13.11 -18.91
CA ASP A 240 7.64 -14.30 -18.10
C ASP A 240 6.75 -14.30 -16.86
N TRP A 241 5.98 -15.38 -16.76
CA TRP A 241 5.12 -15.64 -15.64
C TRP A 241 5.81 -16.22 -14.44
N VAL A 242 6.99 -16.81 -14.64
CA VAL A 242 7.73 -17.56 -13.60
C VAL A 242 9.15 -17.02 -13.43
N ALA A 243 9.57 -16.79 -12.20
CA ALA A 243 10.95 -16.51 -11.87
C ALA A 243 11.72 -17.79 -11.54
N GLU A 244 13.03 -17.74 -11.71
CA GLU A 244 13.92 -18.81 -11.30
C GLU A 244 14.30 -18.60 -9.82
N PRO A 245 14.63 -19.70 -9.12
CA PRO A 245 15.08 -19.52 -7.74
C PRO A 245 16.33 -18.64 -7.60
N GLU A 246 17.21 -18.65 -8.59
CA GLU A 246 18.38 -17.75 -8.60
C GLU A 246 18.00 -16.26 -8.63
N ASP A 247 16.90 -15.96 -9.33
CA ASP A 247 16.37 -14.58 -9.33
C ASP A 247 16.02 -14.11 -7.92
N ILE A 248 15.44 -15.01 -7.12
CA ILE A 248 15.07 -14.64 -5.75
C ILE A 248 16.35 -14.51 -4.91
N ALA A 249 17.27 -15.45 -5.08
CA ALA A 249 18.56 -15.40 -4.41
C ALA A 249 19.33 -14.12 -4.76
N ASP A 250 19.23 -13.64 -5.99
CA ASP A 250 19.80 -12.31 -6.33
C ASP A 250 19.29 -11.22 -5.39
N THR A 251 17.98 -11.19 -5.15
CA THR A 251 17.38 -10.14 -4.31
C THR A 251 17.75 -10.34 -2.84
N VAL A 252 17.63 -11.56 -2.38
CA VAL A 252 17.96 -11.84 -0.99
C VAL A 252 19.45 -11.60 -0.71
N CYS A 253 20.30 -11.92 -1.68
CA CYS A 253 21.73 -11.59 -1.54
C CYS A 253 21.95 -10.07 -1.38
N TRP A 254 21.33 -9.28 -2.24
CA TRP A 254 21.44 -7.82 -2.12
C TRP A 254 20.99 -7.36 -0.76
N LEU A 255 19.86 -7.91 -0.29
CA LEU A 255 19.37 -7.61 1.07
C LEU A 255 20.31 -8.00 2.19
N ALA A 256 21.02 -9.13 2.02
CA ALA A 256 22.01 -9.56 3.02
C ALA A 256 23.25 -8.67 3.06
N SER A 257 23.58 -8.08 1.93
CA SER A 257 24.84 -7.38 1.74
C SER A 257 24.83 -5.99 2.35
N ASP A 258 26.02 -5.41 2.48
CA ASP A 258 26.17 -4.04 2.98
C ASP A 258 25.61 -3.03 1.97
N GLU A 259 25.20 -3.48 0.78
CA GLU A 259 24.73 -2.53 -0.24
C GLU A 259 23.24 -2.17 -0.04
N SER A 260 22.66 -2.67 1.06
CA SER A 260 21.30 -2.37 1.42
C SER A 260 21.23 -2.01 2.91
N ARG A 261 22.34 -1.54 3.46
CA ARG A 261 22.41 -1.19 4.89
C ARG A 261 21.32 -0.20 5.37
N LYS A 262 20.76 0.63 4.49
CA LYS A 262 19.67 1.55 4.92
C LYS A 262 18.31 1.02 4.70
N VAL A 263 18.20 -0.19 4.13
CA VAL A 263 16.90 -0.65 3.69
C VAL A 263 16.34 -1.52 4.81
N THR A 264 15.23 -1.10 5.40
CA THR A 264 14.54 -1.91 6.41
C THR A 264 13.04 -1.65 6.45
N ALA A 265 12.29 -2.64 6.96
CA ALA A 265 10.82 -2.66 6.99
C ALA A 265 10.21 -2.69 5.57
N ALA A 266 11.01 -3.03 4.57
CA ALA A 266 10.52 -2.92 3.19
C ALA A 266 9.88 -4.21 2.67
N GLN A 267 8.89 -4.05 1.80
CA GLN A 267 8.37 -5.16 1.04
CA GLN A 267 8.31 -5.14 0.98
C GLN A 267 8.97 -5.12 -0.39
N ILE A 268 9.82 -6.11 -0.70
CA ILE A 268 10.49 -6.15 -2.01
C ILE A 268 9.85 -7.26 -2.93
N PRO A 269 9.08 -6.84 -3.96
CA PRO A 269 8.47 -7.84 -4.87
C PRO A 269 9.45 -8.33 -5.93
N VAL A 270 9.38 -9.63 -6.23
CA VAL A 270 10.09 -10.22 -7.37
C VAL A 270 9.05 -10.98 -8.18
N ASP A 271 8.26 -10.25 -8.98
CA ASP A 271 7.02 -10.81 -9.48
C ASP A 271 6.64 -10.38 -10.91
N GLN A 272 7.61 -9.78 -11.62
CA GLN A 272 7.45 -9.34 -12.99
C GLN A 272 6.25 -8.37 -13.14
N GLY A 273 5.94 -7.63 -12.07
CA GLY A 273 4.84 -6.66 -12.07
C GLY A 273 3.47 -7.09 -11.55
N SER A 274 3.28 -8.38 -11.25
CA SER A 274 1.92 -8.88 -10.96
C SER A 274 1.17 -8.26 -9.77
N THR A 275 1.87 -7.85 -8.71
CA THR A 275 1.23 -7.16 -7.60
C THR A 275 0.60 -5.80 -7.95
N GLN A 276 0.98 -5.22 -9.09
CA GLN A 276 0.36 -4.00 -9.62
C GLN A 276 -0.55 -4.28 -10.80
N TYR A 277 -0.70 -5.57 -11.15
CA TYR A 277 -1.68 -5.98 -12.18
C TYR A 277 -3.08 -6.14 -11.57
N GLY B 7 -32.06 15.30 7.34
CA GLY B 7 -30.93 14.94 6.41
C GLY B 7 -29.57 14.96 7.10
N LYS B 8 -28.62 14.17 6.59
CA LYS B 8 -27.25 14.12 7.15
C LYS B 8 -26.44 15.44 7.00
N LEU B 9 -26.83 16.33 6.09
CA LEU B 9 -26.03 17.54 5.81
C LEU B 9 -26.81 18.86 5.96
N GLU B 10 -27.82 18.87 6.85
CA GLU B 10 -28.69 20.05 7.06
C GLU B 10 -27.89 21.26 7.50
N GLY B 11 -28.18 22.41 6.90
CA GLY B 11 -27.45 23.64 7.19
C GLY B 11 -26.05 23.72 6.57
N ARG B 12 -25.56 22.61 5.97
CA ARG B 12 -24.20 22.60 5.38
C ARG B 12 -24.19 23.16 3.94
N VAL B 13 -22.99 23.52 3.47
CA VAL B 13 -22.74 24.00 2.12
C VAL B 13 -21.56 23.21 1.51
N ALA B 14 -21.82 22.61 0.35
CA ALA B 14 -20.84 21.82 -0.36
C ALA B 14 -20.45 22.53 -1.68
N PHE B 15 -19.14 22.53 -1.96
CA PHE B 15 -18.55 23.05 -3.20
C PHE B 15 -18.14 21.87 -4.06
N ILE B 16 -18.77 21.74 -5.24
CA ILE B 16 -18.62 20.54 -6.08
C ILE B 16 -18.25 20.92 -7.51
N THR B 17 -17.12 20.39 -7.99
CA THR B 17 -16.64 20.64 -9.35
C THR B 17 -17.09 19.49 -10.30
N GLY B 18 -17.13 19.79 -11.60
CA GLY B 18 -17.55 18.80 -12.58
C GLY B 18 -19.00 18.44 -12.35
N ALA B 19 -19.75 19.43 -11.86
CA ALA B 19 -21.14 19.21 -11.45
C ALA B 19 -22.15 19.17 -12.58
N ALA B 20 -21.74 19.42 -13.82
CA ALA B 20 -22.71 19.53 -14.91
C ALA B 20 -23.46 18.23 -15.25
N ARG B 21 -22.89 17.08 -14.86
CA ARG B 21 -23.43 15.76 -15.27
C ARG B 21 -22.70 14.69 -14.47
N GLY B 22 -22.98 13.41 -14.78
CA GLY B 22 -22.27 12.28 -14.21
C GLY B 22 -22.16 12.29 -12.68
N GLN B 23 -20.99 11.94 -12.18
CA GLN B 23 -20.78 11.80 -10.74
C GLN B 23 -20.99 13.15 -9.99
N GLY B 24 -20.51 14.23 -10.60
CA GLY B 24 -20.62 15.56 -9.98
C GLY B 24 -22.08 15.96 -9.84
N ARG B 25 -22.89 15.62 -10.83
CA ARG B 25 -24.32 15.87 -10.71
C ARG B 25 -24.89 14.97 -9.62
N ALA B 26 -24.48 13.69 -9.61
CA ALA B 26 -24.96 12.75 -8.59
C ALA B 26 -24.66 13.26 -7.15
N HIS B 27 -23.50 13.89 -6.96
CA HIS B 27 -23.13 14.44 -5.63
C HIS B 27 -23.97 15.61 -5.25
N ALA B 28 -24.12 16.56 -6.17
CA ALA B 28 -24.99 17.73 -5.97
C ALA B 28 -26.41 17.33 -5.57
N VAL B 29 -26.96 16.35 -6.29
CA VAL B 29 -28.33 15.90 -6.10
C VAL B 29 -28.44 15.17 -4.76
N ARG B 30 -27.49 14.29 -4.46
CA ARG B 30 -27.44 13.60 -3.18
C ARG B 30 -27.27 14.56 -1.99
N MET B 31 -26.32 15.48 -2.09
CA MET B 31 -26.10 16.39 -0.97
C MET B 31 -27.22 17.41 -0.76
N ALA B 32 -27.86 17.87 -1.85
CA ALA B 32 -29.05 18.70 -1.73
C ALA B 32 -30.18 17.95 -0.99
N ALA B 33 -30.42 16.68 -1.39
CA ALA B 33 -31.39 15.80 -0.72
C ALA B 33 -31.09 15.65 0.77
N GLU B 34 -29.81 15.73 1.15
CA GLU B 34 -29.42 15.62 2.55
C GLU B 34 -29.45 16.95 3.30
N GLY B 35 -29.89 18.00 2.61
CA GLY B 35 -30.06 19.32 3.21
C GLY B 35 -28.98 20.34 2.95
N ALA B 36 -28.01 20.02 2.10
CA ALA B 36 -26.92 20.93 1.83
C ALA B 36 -27.27 21.95 0.73
N ASP B 37 -26.82 23.18 0.90
CA ASP B 37 -26.77 24.10 -0.25
C ASP B 37 -25.46 23.89 -1.01
N ILE B 38 -25.48 24.25 -2.29
CA ILE B 38 -24.48 23.80 -3.27
C ILE B 38 -23.83 24.96 -4.03
N ILE B 39 -22.50 24.90 -4.14
CA ILE B 39 -21.74 25.76 -5.03
C ILE B 39 -21.19 24.82 -6.07
N ALA B 40 -21.71 24.93 -7.30
CA ALA B 40 -21.43 23.96 -8.36
C ALA B 40 -20.72 24.62 -9.55
N VAL B 41 -19.64 24.02 -10.02
CA VAL B 41 -18.97 24.52 -11.21
C VAL B 41 -18.68 23.41 -12.22
N ASP B 42 -18.62 23.82 -13.48
CA ASP B 42 -18.21 22.94 -14.57
C ASP B 42 -17.64 23.80 -15.69
N ILE B 43 -16.70 23.22 -16.43
CA ILE B 43 -16.11 23.89 -17.58
C ILE B 43 -17.15 24.06 -18.69
N ALA B 44 -18.10 23.13 -18.78
CA ALA B 44 -19.26 23.25 -19.68
C ALA B 44 -18.85 23.66 -21.11
N GLY B 45 -17.81 23.02 -21.64
CA GLY B 45 -17.24 23.39 -22.91
C GLY B 45 -16.07 22.48 -23.23
N LYS B 46 -15.29 22.89 -24.22
CA LYS B 46 -14.35 22.03 -24.90
C LYS B 46 -13.31 21.38 -23.96
N LEU B 47 -13.11 20.09 -24.14
CA LEU B 47 -12.13 19.31 -23.38
C LEU B 47 -10.85 19.14 -24.20
N PRO B 48 -9.74 18.68 -23.57
CA PRO B 48 -8.52 18.47 -24.37
C PRO B 48 -8.73 17.51 -25.54
N SER B 49 -7.95 17.70 -26.60
CA SER B 49 -8.19 16.95 -27.83
C SER B 49 -7.92 15.41 -27.71
N CYS B 50 -7.19 14.98 -26.69
CA CYS B 50 -6.99 13.54 -26.50
C CYS B 50 -8.20 12.90 -25.83
N VAL B 51 -9.15 13.70 -25.38
CA VAL B 51 -10.36 13.17 -24.75
C VAL B 51 -11.36 12.70 -25.82
N PRO B 52 -11.75 11.41 -25.79
CA PRO B 52 -12.56 10.88 -26.89
C PRO B 52 -14.08 10.98 -26.78
N TYR B 53 -14.63 11.31 -25.62
CA TYR B 53 -16.09 11.33 -25.42
C TYR B 53 -16.59 12.78 -25.55
N ASP B 54 -17.90 13.01 -25.40
CA ASP B 54 -18.45 14.35 -25.62
C ASP B 54 -18.27 15.31 -24.42
N PRO B 55 -18.09 16.63 -24.67
CA PRO B 55 -18.02 17.60 -23.56
C PRO B 55 -19.38 17.86 -22.88
N ALA B 56 -19.39 18.46 -21.68
CA ALA B 56 -20.62 18.93 -21.04
C ALA B 56 -21.01 20.32 -21.60
N SER B 57 -22.23 20.78 -21.33
CA SER B 57 -22.67 22.03 -21.94
C SER B 57 -23.25 22.90 -20.86
N PRO B 58 -23.40 24.21 -21.12
CA PRO B 58 -24.10 25.03 -20.11
C PRO B 58 -25.54 24.51 -19.82
N ASP B 59 -26.21 23.95 -20.82
CA ASP B 59 -27.51 23.30 -20.61
C ASP B 59 -27.47 22.16 -19.61
N ASP B 60 -26.40 21.35 -19.63
CA ASP B 60 -26.23 20.28 -18.64
C ASP B 60 -26.21 20.82 -17.22
N LEU B 61 -25.41 21.87 -17.03
CA LEU B 61 -25.28 22.48 -15.73
C LEU B 61 -26.59 23.10 -15.27
N SER B 62 -27.31 23.80 -16.17
CA SER B 62 -28.69 24.24 -15.89
C SER B 62 -29.60 23.12 -15.34
N GLU B 63 -29.42 21.90 -15.85
CA GLU B 63 -30.25 20.77 -15.41
C GLU B 63 -29.89 20.36 -13.98
N THR B 64 -28.59 20.39 -13.68
CA THR B 64 -28.14 20.18 -12.30
C THR B 64 -28.77 21.24 -11.39
N VAL B 65 -28.78 22.47 -11.85
CA VAL B 65 -29.41 23.55 -11.09
C VAL B 65 -30.89 23.25 -10.82
N ARG B 66 -31.60 22.84 -11.88
CA ARG B 66 -33.02 22.53 -11.81
C ARG B 66 -33.28 21.41 -10.78
N LEU B 67 -32.47 20.35 -10.84
CA LEU B 67 -32.59 19.22 -9.91
C LEU B 67 -32.37 19.63 -8.46
N VAL B 68 -31.32 20.41 -8.22
CA VAL B 68 -31.02 20.87 -6.87
C VAL B 68 -32.13 21.78 -6.32
N GLU B 69 -32.58 22.75 -7.11
CA GLU B 69 -33.76 23.54 -6.70
C GLU B 69 -35.06 22.69 -6.46
N ALA B 70 -35.31 21.67 -7.29
CA ALA B 70 -36.45 20.76 -7.05
C ALA B 70 -36.42 20.06 -5.68
N ALA B 71 -35.23 19.98 -5.08
CA ALA B 71 -35.06 19.47 -3.71
C ALA B 71 -35.14 20.61 -2.68
N ASN B 72 -35.49 21.80 -3.13
CA ASN B 72 -35.70 22.92 -2.22
C ASN B 72 -34.45 23.50 -1.57
N ARG B 73 -33.33 23.40 -2.26
CA ARG B 73 -32.07 23.91 -1.75
C ARG B 73 -31.61 25.05 -2.63
N ARG B 74 -30.74 25.89 -2.10
CA ARG B 74 -30.12 26.95 -2.87
C ARG B 74 -28.85 26.45 -3.57
N ILE B 75 -28.62 26.94 -4.79
CA ILE B 75 -27.44 26.55 -5.53
C ILE B 75 -26.86 27.76 -6.24
N VAL B 76 -25.55 27.93 -6.12
CA VAL B 76 -24.80 28.93 -6.86
C VAL B 76 -23.94 28.15 -7.86
N ALA B 77 -24.27 28.29 -9.14
CA ALA B 77 -23.59 27.59 -10.23
C ALA B 77 -22.87 28.56 -11.15
N ALA B 78 -21.76 28.10 -11.73
CA ALA B 78 -20.91 28.89 -12.60
C ALA B 78 -20.14 28.04 -13.57
N VAL B 79 -20.04 28.56 -14.79
CA VAL B 79 -19.17 27.97 -15.78
C VAL B 79 -17.76 28.44 -15.54
N VAL B 80 -16.88 27.51 -15.17
CA VAL B 80 -15.47 27.85 -14.91
C VAL B 80 -14.57 26.60 -15.01
N ASP B 81 -13.40 26.81 -15.60
CA ASP B 81 -12.36 25.80 -15.70
C ASP B 81 -11.63 25.74 -14.35
N THR B 82 -11.52 24.55 -13.77
CA THR B 82 -10.75 24.35 -12.52
C THR B 82 -9.26 24.73 -12.66
N ARG B 83 -8.76 24.83 -13.88
CA ARG B 83 -7.40 25.31 -14.15
C ARG B 83 -7.27 26.83 -13.94
N ASP B 84 -8.39 27.54 -13.86
CA ASP B 84 -8.38 29.01 -13.76
C ASP B 84 -8.53 29.35 -12.29
N PHE B 85 -7.41 29.34 -11.57
CA PHE B 85 -7.44 29.54 -10.13
C PHE B 85 -8.12 30.87 -9.70
N ASP B 86 -7.79 31.98 -10.35
CA ASP B 86 -8.39 33.28 -9.98
C ASP B 86 -9.92 33.31 -10.09
N ARG B 87 -10.45 32.84 -11.21
CA ARG B 87 -11.91 32.78 -11.36
C ARG B 87 -12.52 31.73 -10.46
N LEU B 88 -11.83 30.61 -10.24
CA LEU B 88 -12.38 29.61 -9.31
C LEU B 88 -12.48 30.18 -7.87
N ARG B 89 -11.43 30.87 -7.45
CA ARG B 89 -11.42 31.52 -6.14
C ARG B 89 -12.57 32.57 -6.03
N LYS B 90 -12.77 33.32 -7.12
CA LYS B 90 -13.84 34.33 -7.19
C LYS B 90 -15.23 33.71 -7.05
N VAL B 91 -15.50 32.68 -7.82
CA VAL B 91 -16.76 31.96 -7.73
C VAL B 91 -17.00 31.39 -6.32
N VAL B 92 -16.01 30.73 -5.73
CA VAL B 92 -16.18 30.21 -4.36
C VAL B 92 -16.51 31.34 -3.35
N ASP B 93 -15.74 32.43 -3.41
CA ASP B 93 -16.02 33.62 -2.60
C ASP B 93 -17.44 34.16 -2.82
N ASP B 94 -17.89 34.22 -4.09
CA ASP B 94 -19.27 34.65 -4.34
C ASP B 94 -20.30 33.68 -3.80
N GLY B 95 -20.04 32.38 -3.89
CA GLY B 95 -20.95 31.37 -3.34
C GLY B 95 -21.07 31.50 -1.82
N VAL B 96 -19.94 31.70 -1.16
CA VAL B 96 -19.89 31.72 0.30
C VAL B 96 -20.56 32.96 0.90
N ALA B 97 -20.25 34.11 0.32
CA ALA B 97 -20.99 35.36 0.57
C ALA B 97 -22.50 35.16 0.43
N ALA B 98 -22.92 34.47 -0.62
CA ALA B 98 -24.34 34.19 -0.85
C ALA B 98 -24.92 33.13 0.09
N LEU B 99 -24.21 32.02 0.30
CA LEU B 99 -24.75 30.95 1.14
C LEU B 99 -24.30 31.01 2.60
N GLY B 100 -23.33 31.84 2.91
CA GLY B 100 -22.97 32.08 4.34
C GLY B 100 -21.85 31.25 4.95
N ARG B 101 -21.37 30.20 4.27
CA ARG B 101 -20.38 29.28 4.86
C ARG B 101 -19.87 28.30 3.80
N LEU B 102 -18.82 27.54 4.15
CA LEU B 102 -18.41 26.42 3.32
C LEU B 102 -17.95 25.27 4.22
N ASP B 103 -18.44 24.05 3.97
CA ASP B 103 -18.11 22.89 4.84
C ASP B 103 -17.48 21.73 4.09
N ILE B 104 -17.84 21.58 2.83
CA ILE B 104 -17.57 20.36 2.09
C ILE B 104 -17.02 20.76 0.74
N ILE B 105 -15.88 20.15 0.37
CA ILE B 105 -15.40 20.17 -1.00
C ILE B 105 -15.43 18.79 -1.66
N VAL B 106 -16.04 18.69 -2.84
CA VAL B 106 -15.85 17.50 -3.66
C VAL B 106 -15.10 17.91 -4.91
N ALA B 107 -13.81 17.55 -4.97
CA ALA B 107 -12.98 17.81 -6.17
C ALA B 107 -13.12 16.66 -7.17
N ASN B 108 -14.05 16.83 -8.10
CA ASN B 108 -14.56 15.75 -8.95
C ASN B 108 -14.26 15.96 -10.43
N ALA B 109 -14.12 17.22 -10.87
CA ALA B 109 -13.79 17.52 -12.26
C ALA B 109 -12.51 16.78 -12.70
N GLY B 110 -12.61 16.03 -13.80
CA GLY B 110 -11.46 15.35 -14.35
C GLY B 110 -11.77 14.81 -15.74
N VAL B 111 -10.72 14.34 -16.41
CA VAL B 111 -10.80 13.80 -17.75
C VAL B 111 -9.99 12.49 -17.85
N ALA B 112 -10.39 11.67 -18.82
CA ALA B 112 -9.72 10.42 -19.15
C ALA B 112 -9.53 10.36 -20.66
N ALA B 113 -8.46 9.67 -21.07
CA ALA B 113 -8.04 9.59 -22.44
C ALA B 113 -7.16 8.36 -22.63
N PRO B 114 -7.77 7.24 -23.07
CA PRO B 114 -7.02 6.05 -23.45
C PRO B 114 -6.14 6.36 -24.67
N GLN B 115 -4.85 6.08 -24.54
CA GLN B 115 -3.85 6.26 -25.58
C GLN B 115 -2.72 5.28 -25.32
N ALA B 116 -2.17 4.64 -26.35
CA ALA B 116 -0.92 3.89 -26.16
C ALA B 116 0.16 4.86 -25.68
N TRP B 117 1.09 4.39 -24.85
CA TRP B 117 2.10 5.27 -24.21
C TRP B 117 2.83 6.15 -25.21
N ASP B 118 3.19 5.58 -26.37
CA ASP B 118 3.97 6.33 -27.37
C ASP B 118 3.12 7.21 -28.31
N ASP B 119 1.80 7.23 -28.13
CA ASP B 119 0.97 8.19 -28.84
C ASP B 119 0.67 9.42 -27.98
N ILE B 120 1.10 9.42 -26.73
CA ILE B 120 0.83 10.57 -25.84
C ILE B 120 1.85 11.63 -26.18
N THR B 121 1.39 12.79 -26.66
CA THR B 121 2.29 13.90 -26.96
C THR B 121 2.55 14.71 -25.68
N PRO B 122 3.57 15.58 -25.69
CA PRO B 122 3.77 16.46 -24.57
C PRO B 122 2.52 17.28 -24.25
N GLU B 123 1.80 17.74 -25.27
CA GLU B 123 0.59 18.53 -25.04
C GLU B 123 -0.49 17.69 -24.35
N ASP B 124 -0.65 16.45 -24.82
CA ASP B 124 -1.57 15.50 -24.21
C ASP B 124 -1.28 15.30 -22.73
N PHE B 125 -0.02 15.03 -22.40
CA PHE B 125 0.40 14.77 -21.01
C PHE B 125 0.07 15.98 -20.15
N ARG B 126 0.50 17.15 -20.61
CA ARG B 126 0.24 18.42 -19.93
C ARG B 126 -1.25 18.67 -19.63
N ASP B 127 -2.10 18.46 -20.62
CA ASP B 127 -3.52 18.73 -20.50
C ASP B 127 -4.22 17.89 -19.41
N VAL B 128 -3.97 16.58 -19.45
CA VAL B 128 -4.53 15.64 -18.49
C VAL B 128 -3.98 15.97 -17.11
N MET B 129 -2.67 16.19 -16.99
CA MET B 129 -2.06 16.54 -15.68
C MET B 129 -2.61 17.88 -15.18
N ASP B 130 -2.70 18.87 -16.06
CA ASP B 130 -3.21 20.18 -15.67
C ASP B 130 -4.63 20.10 -15.08
N ILE B 131 -5.53 19.40 -15.78
CA ILE B 131 -6.90 19.24 -15.27
C ILE B 131 -6.95 18.38 -14.00
N ASN B 132 -6.41 17.16 -14.09
CA ASN B 132 -6.60 16.16 -13.03
C ASN B 132 -5.84 16.47 -11.74
N VAL B 133 -4.71 17.15 -11.85
CA VAL B 133 -3.91 17.49 -10.66
C VAL B 133 -4.03 18.97 -10.28
N THR B 134 -3.66 19.85 -11.21
CA THR B 134 -3.65 21.27 -10.88
C THR B 134 -5.05 21.81 -10.61
N GLY B 135 -6.04 21.39 -11.41
CA GLY B 135 -7.45 21.74 -11.17
C GLY B 135 -7.86 21.25 -9.77
N THR B 136 -7.40 20.06 -9.41
CA THR B 136 -7.72 19.48 -8.11
C THR B 136 -7.08 20.30 -6.96
N TRP B 137 -5.80 20.64 -7.11
CA TRP B 137 -5.12 21.52 -6.14
C TRP B 137 -5.79 22.90 -6.09
N ASN B 138 -6.14 23.47 -7.25
CA ASN B 138 -6.82 24.78 -7.30
C ASN B 138 -8.15 24.75 -6.52
N THR B 139 -8.84 23.62 -6.60
CA THR B 139 -10.16 23.45 -5.94
C THR B 139 -10.03 23.51 -4.42
N VAL B 140 -9.00 22.84 -3.89
CA VAL B 140 -8.75 22.87 -2.45
C VAL B 140 -8.30 24.26 -2.05
N MET B 141 -7.45 24.87 -2.87
CA MET B 141 -6.92 26.18 -2.54
C MET B 141 -8.01 27.25 -2.56
N ALA B 142 -9.01 27.09 -3.42
CA ALA B 142 -10.13 28.05 -3.45
C ALA B 142 -11.09 27.85 -2.27
N GLY B 143 -11.33 26.57 -1.95
CA GLY B 143 -12.28 26.21 -0.89
C GLY B 143 -11.77 26.27 0.55
N ALA B 144 -10.57 25.74 0.80
CA ALA B 144 -10.11 25.53 2.18
C ALA B 144 -10.05 26.77 3.08
N PRO B 145 -9.55 27.93 2.57
CA PRO B 145 -9.52 29.06 3.52
C PRO B 145 -10.93 29.47 3.95
N ARG B 146 -11.94 29.14 3.13
CA ARG B 146 -13.32 29.49 3.49
C ARG B 146 -13.88 28.48 4.53
N ILE B 147 -13.43 27.24 4.48
CA ILE B 147 -13.79 26.29 5.54
C ILE B 147 -13.09 26.71 6.86
N ILE B 148 -11.80 27.01 6.79
CA ILE B 148 -11.03 27.45 7.95
C ILE B 148 -11.66 28.68 8.63
N GLU B 149 -12.07 29.69 7.87
CA GLU B 149 -12.68 30.88 8.47
C GLU B 149 -13.93 30.60 9.29
N GLY B 150 -14.71 29.59 8.92
CA GLY B 150 -15.90 29.27 9.69
C GLY B 150 -15.59 28.63 11.03
N GLY B 151 -14.42 28.03 11.15
CA GLY B 151 -14.02 27.35 12.39
C GLY B 151 -14.83 26.13 12.82
N ARG B 152 -15.55 25.49 11.90
CA ARG B 152 -16.42 24.33 12.23
C ARG B 152 -15.80 22.96 11.88
N GLY B 153 -14.61 22.99 11.28
CA GLY B 153 -14.03 21.79 10.69
C GLY B 153 -14.73 21.61 9.36
N GLY B 154 -14.43 20.53 8.67
CA GLY B 154 -15.00 20.31 7.36
C GLY B 154 -14.49 19.02 6.77
N SER B 155 -14.84 18.80 5.49
CA SER B 155 -14.53 17.53 4.84
C SER B 155 -14.31 17.74 3.35
N ILE B 156 -13.12 17.36 2.90
CA ILE B 156 -12.72 17.57 1.52
C ILE B 156 -12.51 16.19 0.94
N ILE B 157 -13.18 15.93 -0.20
CA ILE B 157 -13.05 14.65 -0.87
C ILE B 157 -12.46 14.88 -2.27
N LEU B 158 -11.34 14.25 -2.56
CA LEU B 158 -10.70 14.37 -3.86
C LEU B 158 -11.02 13.09 -4.64
N ILE B 159 -11.65 13.23 -5.80
CA ILE B 159 -11.95 12.02 -6.59
C ILE B 159 -10.70 11.62 -7.39
N SER B 160 -10.10 10.52 -6.95
CA SER B 160 -8.98 9.93 -7.67
C SER B 160 -9.55 8.86 -8.63
N SER B 161 -9.04 7.64 -8.53
CA SER B 161 -9.49 6.53 -9.39
C SER B 161 -8.87 5.25 -8.86
N ALA B 162 -9.40 4.07 -9.24
CA ALA B 162 -8.73 2.81 -8.90
C ALA B 162 -7.28 2.90 -9.40
N ALA B 163 -7.12 3.54 -10.57
CA ALA B 163 -5.82 3.75 -11.20
C ALA B 163 -4.80 4.46 -10.28
N GLY B 164 -5.31 5.28 -9.36
CA GLY B 164 -4.50 6.02 -8.40
C GLY B 164 -4.19 5.29 -7.10
N MET B 165 -4.75 4.07 -6.95
CA MET B 165 -4.39 3.15 -5.86
C MET B 165 -3.49 2.02 -6.37
N LYS B 166 -3.87 1.42 -7.50
CA LYS B 166 -3.10 0.34 -8.10
C LYS B 166 -2.49 0.98 -9.35
N MET B 167 -3.04 0.67 -10.52
CA MET B 167 -2.73 1.40 -11.75
C MET B 167 -3.77 1.06 -12.82
N GLN B 168 -3.79 1.86 -13.89
CA GLN B 168 -4.61 1.54 -15.06
C GLN B 168 -3.78 1.68 -16.34
N PRO B 169 -3.84 0.65 -17.23
CA PRO B 169 -2.99 0.69 -18.41
C PRO B 169 -3.57 1.60 -19.48
N PHE B 170 -2.73 1.97 -20.45
CA PHE B 170 -3.13 2.76 -21.63
C PHE B 170 -3.60 4.17 -21.33
N MET B 171 -3.05 4.76 -20.28
CA MET B 171 -3.09 6.20 -20.11
C MET B 171 -2.07 6.64 -19.05
N ILE B 172 -0.82 6.82 -19.49
CA ILE B 172 0.28 7.08 -18.58
C ILE B 172 -0.06 8.35 -17.79
N HIS B 173 -0.57 9.37 -18.48
CA HIS B 173 -0.93 10.65 -17.84
C HIS B 173 -1.98 10.50 -16.75
N TYR B 174 -3.07 9.82 -17.09
CA TYR B 174 -4.21 9.62 -16.20
C TYR B 174 -3.77 8.94 -14.94
N THR B 175 -3.03 7.83 -15.08
CA THR B 175 -2.57 7.07 -13.92
C THR B 175 -1.67 7.91 -13.03
N ALA B 176 -0.69 8.60 -13.62
CA ALA B 176 0.16 9.55 -12.88
C ALA B 176 -0.67 10.57 -12.14
N SER B 177 -1.62 11.17 -12.85
CA SER B 177 -2.46 12.22 -12.29
C SER B 177 -3.29 11.73 -11.10
N LYS B 178 -3.76 10.49 -11.18
CA LYS B 178 -4.64 9.97 -10.15
C LYS B 178 -3.85 9.55 -8.93
N HIS B 179 -2.58 9.16 -9.16
CA HIS B 179 -1.64 8.95 -8.06
C HIS B 179 -1.30 10.24 -7.38
N ALA B 180 -1.11 11.29 -8.17
CA ALA B 180 -0.91 12.65 -7.62
C ALA B 180 -2.08 13.07 -6.73
N VAL B 181 -3.30 12.72 -7.15
CA VAL B 181 -4.48 12.99 -6.32
C VAL B 181 -4.43 12.27 -4.98
N THR B 182 -3.93 11.03 -4.96
CA THR B 182 -3.72 10.32 -3.69
C THR B 182 -2.78 11.14 -2.81
N GLY B 183 -1.66 11.61 -3.38
CA GLY B 183 -0.71 12.44 -2.67
C GLY B 183 -1.29 13.73 -2.14
N LEU B 184 -2.04 14.45 -2.99
CA LEU B 184 -2.74 15.65 -2.55
C LEU B 184 -3.63 15.36 -1.34
N ALA B 185 -4.34 14.24 -1.34
CA ALA B 185 -5.20 13.92 -0.19
C ALA B 185 -4.41 13.75 1.13
N ARG B 186 -3.32 12.97 1.09
CA ARG B 186 -2.47 12.76 2.30
C ARG B 186 -1.77 14.03 2.74
N ALA B 187 -1.27 14.81 1.77
CA ALA B 187 -0.61 16.06 2.06
C ALA B 187 -1.59 17.09 2.62
N PHE B 188 -2.73 17.31 1.96
CA PHE B 188 -3.70 18.27 2.55
C PHE B 188 -4.24 17.76 3.89
N ALA B 189 -4.36 16.44 4.04
CA ALA B 189 -4.85 15.88 5.31
C ALA B 189 -3.95 16.28 6.48
N ALA B 190 -2.65 16.27 6.25
CA ALA B 190 -1.70 16.42 7.30
C ALA B 190 -1.72 17.87 7.79
N GLU B 191 -1.77 18.81 6.86
CA GLU B 191 -1.67 20.21 7.25
C GLU B 191 -2.99 20.85 7.65
N LEU B 192 -4.09 20.31 7.13
CA LEU B 192 -5.47 20.84 7.42
C LEU B 192 -6.11 20.13 8.62
N GLY B 193 -5.50 19.03 9.06
CA GLY B 193 -6.03 18.28 10.21
C GLY B 193 -6.13 19.09 11.52
N LYS B 194 -5.17 19.97 11.79
CA LYS B 194 -5.29 20.86 12.97
C LYS B 194 -6.57 21.75 13.00
N HIS B 195 -7.19 21.99 11.83
CA HIS B 195 -8.47 22.72 11.73
C HIS B 195 -9.70 21.80 11.84
N SER B 196 -9.46 20.54 12.17
CA SER B 196 -10.49 19.49 12.08
C SER B 196 -11.10 19.38 10.67
N ILE B 197 -10.26 19.60 9.66
CA ILE B 197 -10.66 19.37 8.28
C ILE B 197 -10.11 18.02 7.83
N ARG B 198 -11.03 17.11 7.53
CA ARG B 198 -10.64 15.81 6.98
C ARG B 198 -10.40 15.94 5.49
N VAL B 199 -9.40 15.23 5.00
CA VAL B 199 -9.14 15.17 3.57
C VAL B 199 -8.94 13.71 3.15
N ASN B 200 -9.76 13.25 2.21
CA ASN B 200 -9.72 11.85 1.80
C ASN B 200 -9.85 11.74 0.30
N SER B 201 -9.30 10.67 -0.26
CA SER B 201 -9.47 10.39 -1.67
C SER B 201 -10.40 9.19 -1.90
N VAL B 202 -11.16 9.25 -3.00
CA VAL B 202 -12.07 8.19 -3.37
C VAL B 202 -11.66 7.62 -4.72
N HIS B 203 -11.77 6.30 -4.87
CA HIS B 203 -11.11 5.62 -5.97
C HIS B 203 -12.09 4.70 -6.67
N PRO B 204 -12.88 5.24 -7.60
CA PRO B 204 -13.82 4.37 -8.28
C PRO B 204 -13.16 3.47 -9.31
N GLY B 205 -13.73 2.29 -9.53
CA GLY B 205 -13.51 1.55 -10.79
C GLY B 205 -14.35 2.20 -11.88
N PRO B 206 -14.66 1.47 -12.96
CA PRO B 206 -15.52 2.02 -14.01
C PRO B 206 -16.86 2.52 -13.45
N VAL B 207 -17.25 3.73 -13.85
CA VAL B 207 -18.53 4.27 -13.42
C VAL B 207 -19.38 4.60 -14.65
N ASN B 208 -20.69 4.33 -14.54
CA ASN B 208 -21.63 4.50 -15.65
C ASN B 208 -21.98 5.98 -15.89
N THR B 209 -21.10 6.69 -16.58
CA THR B 209 -21.28 8.13 -16.85
C THR B 209 -20.99 8.46 -18.31
N PRO B 210 -21.24 9.72 -18.73
CA PRO B 210 -20.94 10.10 -20.12
C PRO B 210 -19.46 10.07 -20.48
N MET B 211 -18.59 9.72 -19.52
CA MET B 211 -17.20 9.42 -19.83
C MET B 211 -17.11 8.18 -20.75
N GLY B 212 -18.15 7.33 -20.71
CA GLY B 212 -18.36 6.24 -21.70
C GLY B 212 -18.94 6.65 -23.06
N SER B 213 -19.32 7.91 -23.22
CA SER B 213 -20.00 8.38 -24.44
C SER B 213 -19.02 8.59 -25.62
N GLY B 214 -19.47 9.30 -26.67
CA GLY B 214 -18.68 9.50 -27.92
C GLY B 214 -17.83 8.33 -28.35
N ASP B 215 -16.56 8.61 -28.62
CA ASP B 215 -15.63 7.60 -29.11
C ASP B 215 -14.87 6.80 -28.02
N MET B 216 -15.32 6.84 -26.77
CA MET B 216 -14.61 6.15 -25.66
C MET B 216 -14.39 4.65 -25.91
N VAL B 217 -15.45 3.98 -26.36
CA VAL B 217 -15.40 2.52 -26.53
C VAL B 217 -14.38 2.13 -27.59
N THR B 218 -14.42 2.82 -28.72
CA THR B 218 -13.40 2.72 -29.77
C THR B 218 -11.99 2.97 -29.24
N ALA B 219 -11.79 4.06 -28.48
CA ALA B 219 -10.47 4.43 -27.95
C ALA B 219 -9.92 3.35 -27.02
N VAL B 220 -10.75 2.90 -26.10
CA VAL B 220 -10.39 1.79 -25.22
C VAL B 220 -10.04 0.55 -26.06
N GLY B 221 -10.90 0.22 -27.03
CA GLY B 221 -10.70 -0.93 -27.93
C GLY B 221 -9.36 -0.88 -28.67
N GLN B 222 -9.09 0.27 -29.30
CA GLN B 222 -7.82 0.48 -29.98
C GLN B 222 -6.59 0.35 -29.09
N ALA B 223 -6.64 0.99 -27.92
CA ALA B 223 -5.51 0.91 -27.00
C ALA B 223 -5.21 -0.54 -26.55
N MET B 224 -6.25 -1.26 -26.16
CA MET B 224 -6.11 -2.64 -25.71
C MET B 224 -5.38 -3.53 -26.71
N GLU B 225 -5.61 -3.26 -28.00
CA GLU B 225 -4.99 -4.01 -29.10
C GLU B 225 -3.48 -3.93 -29.04
N THR B 226 -2.94 -2.82 -28.50
CA THR B 226 -1.48 -2.65 -28.45
C THR B 226 -0.82 -3.54 -27.41
N ASN B 227 -1.60 -4.05 -26.45
CA ASN B 227 -1.07 -5.00 -25.42
C ASN B 227 -2.16 -5.85 -24.77
N PRO B 228 -2.55 -6.94 -25.45
CA PRO B 228 -3.67 -7.74 -24.93
C PRO B 228 -3.39 -8.38 -23.56
N GLN B 229 -2.13 -8.58 -23.21
CA GLN B 229 -1.80 -9.09 -21.89
C GLN B 229 -2.36 -8.24 -20.72
N LEU B 230 -2.65 -6.96 -20.99
CA LEU B 230 -3.05 -6.02 -19.91
C LEU B 230 -4.57 -5.93 -19.71
N SER B 231 -5.32 -6.79 -20.42
CA SER B 231 -6.78 -6.65 -20.54
C SER B 231 -7.61 -6.91 -19.25
N HIS B 232 -7.04 -7.53 -18.22
CA HIS B 232 -7.82 -7.88 -17.03
C HIS B 232 -7.51 -7.07 -15.78
N VAL B 233 -6.85 -5.94 -15.96
CA VAL B 233 -6.48 -5.10 -14.82
C VAL B 233 -7.72 -4.58 -14.04
N LEU B 234 -8.88 -4.46 -14.70
CA LEU B 234 -10.13 -3.96 -14.07
C LEU B 234 -11.15 -5.05 -13.70
N THR B 235 -10.70 -6.30 -13.61
CA THR B 235 -11.58 -7.40 -13.21
C THR B 235 -11.99 -7.26 -11.74
N PRO B 236 -13.31 -7.30 -11.50
CA PRO B 236 -13.79 -7.18 -10.15
C PRO B 236 -13.94 -8.55 -9.47
N PHE B 237 -14.10 -8.52 -8.15
CA PHE B 237 -14.50 -9.69 -7.34
C PHE B 237 -16.00 -9.95 -7.35
N LEU B 238 -16.77 -8.85 -7.36
CA LEU B 238 -18.23 -8.93 -7.47
C LEU B 238 -18.64 -9.26 -8.93
N PRO B 239 -19.91 -9.64 -9.14
CA PRO B 239 -20.31 -9.83 -10.55
C PRO B 239 -20.31 -8.51 -11.37
N ASP B 240 -20.28 -7.35 -10.70
CA ASP B 240 -20.37 -6.07 -11.39
C ASP B 240 -19.03 -5.46 -11.77
N TRP B 241 -18.85 -5.18 -13.06
CA TRP B 241 -17.71 -4.42 -13.56
C TRP B 241 -17.86 -2.91 -13.44
N VAL B 242 -19.10 -2.44 -13.32
CA VAL B 242 -19.38 -1.00 -13.39
C VAL B 242 -20.23 -0.56 -12.21
N ALA B 243 -19.82 0.53 -11.56
CA ALA B 243 -20.59 1.16 -10.49
C ALA B 243 -21.49 2.28 -11.06
N GLU B 244 -22.60 2.57 -10.39
CA GLU B 244 -23.47 3.69 -10.79
C GLU B 244 -22.99 4.97 -10.13
N PRO B 245 -23.24 6.14 -10.75
CA PRO B 245 -22.81 7.40 -10.10
C PRO B 245 -23.39 7.56 -8.68
N GLU B 246 -24.59 7.05 -8.43
CA GLU B 246 -25.19 7.04 -7.08
C GLU B 246 -24.37 6.24 -6.07
N ASP B 247 -23.75 5.15 -6.50
CA ASP B 247 -22.87 4.39 -5.60
C ASP B 247 -21.69 5.24 -5.12
N ILE B 248 -21.13 6.06 -6.02
CA ILE B 248 -20.01 6.92 -5.65
C ILE B 248 -20.52 8.02 -4.72
N ALA B 249 -21.67 8.59 -5.07
CA ALA B 249 -22.32 9.58 -4.20
C ALA B 249 -22.60 9.05 -2.79
N ASP B 250 -23.00 7.78 -2.69
CA ASP B 250 -23.12 7.08 -1.40
C ASP B 250 -21.86 7.23 -0.51
N THR B 251 -20.69 6.93 -1.07
CA THR B 251 -19.43 6.94 -0.33
C THR B 251 -19.07 8.39 -0.01
N VAL B 252 -19.16 9.25 -1.02
CA VAL B 252 -18.82 10.64 -0.82
C VAL B 252 -19.75 11.30 0.22
N CYS B 253 -21.02 10.90 0.25
CA CYS B 253 -21.96 11.45 1.25
C CYS B 253 -21.54 11.10 2.65
N TRP B 254 -21.22 9.82 2.85
CA TRP B 254 -20.66 9.33 4.08
C TRP B 254 -19.44 10.10 4.52
N LEU B 255 -18.46 10.28 3.62
CA LEU B 255 -17.27 11.08 3.90
C LEU B 255 -17.58 12.55 4.26
N ALA B 256 -18.60 13.14 3.61
CA ALA B 256 -19.05 14.50 3.97
C ALA B 256 -19.72 14.59 5.35
N SER B 257 -20.38 13.51 5.74
CA SER B 257 -21.20 13.48 6.92
C SER B 257 -20.40 13.42 8.22
N ASP B 258 -21.05 13.70 9.33
CA ASP B 258 -20.42 13.61 10.66
C ASP B 258 -20.10 12.18 11.07
N GLU B 259 -20.58 11.22 10.28
CA GLU B 259 -20.36 9.82 10.63
C GLU B 259 -19.02 9.26 10.15
N SER B 260 -18.19 10.14 9.59
CA SER B 260 -16.80 9.80 9.26
C SER B 260 -15.87 10.86 9.84
N ARG B 261 -16.28 11.44 10.97
CA ARG B 261 -15.51 12.53 11.58
C ARG B 261 -14.03 12.21 11.89
N LYS B 262 -13.71 10.92 12.08
CA LYS B 262 -12.37 10.49 12.44
C LYS B 262 -11.59 9.93 11.25
N VAL B 263 -12.20 9.97 10.07
CA VAL B 263 -11.58 9.40 8.87
C VAL B 263 -10.92 10.54 8.09
N THR B 264 -9.60 10.45 7.95
CA THR B 264 -8.83 11.43 7.15
C THR B 264 -7.55 10.78 6.60
N ALA B 265 -7.07 11.35 5.49
CA ALA B 265 -5.92 10.84 4.75
C ALA B 265 -6.17 9.46 4.13
N ALA B 266 -7.42 9.03 4.03
CA ALA B 266 -7.70 7.64 3.62
C ALA B 266 -7.94 7.57 2.13
N GLN B 267 -7.57 6.42 1.57
CA GLN B 267 -7.93 6.11 0.20
CA GLN B 267 -7.91 6.03 0.19
C GLN B 267 -9.12 5.12 0.23
N ILE B 268 -10.26 5.58 -0.28
CA ILE B 268 -11.48 4.78 -0.25
C ILE B 268 -11.83 4.24 -1.64
N PRO B 269 -11.62 2.94 -1.84
CA PRO B 269 -11.94 2.38 -3.16
C PRO B 269 -13.41 2.03 -3.31
N VAL B 270 -14.01 2.34 -4.45
CA VAL B 270 -15.36 1.88 -4.71
C VAL B 270 -15.26 1.18 -6.05
N ASP B 271 -14.74 -0.05 -6.05
CA ASP B 271 -14.29 -0.69 -7.29
C ASP B 271 -14.62 -2.17 -7.42
N GLN B 272 -15.54 -2.66 -6.58
CA GLN B 272 -15.97 -4.06 -6.60
C GLN B 272 -14.79 -5.01 -6.46
N GLY B 273 -13.71 -4.50 -5.86
CA GLY B 273 -12.53 -5.28 -5.53
C GLY B 273 -11.35 -5.27 -6.50
N SER B 274 -11.43 -4.49 -7.58
CA SER B 274 -10.44 -4.65 -8.66
C SER B 274 -9.02 -4.20 -8.28
N THR B 275 -8.87 -3.21 -7.38
CA THR B 275 -7.54 -2.80 -6.90
C THR B 275 -6.76 -3.93 -6.20
N GLN B 276 -7.44 -5.02 -5.81
CA GLN B 276 -6.78 -6.16 -5.16
C GLN B 276 -6.73 -7.34 -6.10
N TYR B 277 -7.16 -7.11 -7.35
CA TYR B 277 -7.13 -8.15 -8.37
C TYR B 277 -5.79 -8.06 -9.09
N GLY C 7 -34.05 3.45 9.53
CA GLY C 7 -33.33 2.16 9.78
C GLY C 7 -32.67 1.59 8.52
N LYS C 8 -31.35 1.70 8.46
CA LYS C 8 -30.64 1.20 7.28
C LYS C 8 -30.61 -0.35 7.21
N LEU C 9 -31.05 -1.05 8.25
CA LEU C 9 -30.88 -2.50 8.27
C LEU C 9 -32.15 -3.24 8.69
N GLU C 10 -33.32 -2.67 8.37
CA GLU C 10 -34.60 -3.30 8.71
C GLU C 10 -34.70 -4.71 8.13
N GLY C 11 -35.08 -5.66 8.96
CA GLY C 11 -35.28 -7.04 8.55
C GLY C 11 -34.00 -7.86 8.42
N ARG C 12 -32.84 -7.28 8.70
CA ARG C 12 -31.59 -8.03 8.49
C ARG C 12 -31.17 -8.72 9.78
N VAL C 13 -30.22 -9.64 9.67
CA VAL C 13 -29.59 -10.28 10.84
C VAL C 13 -28.06 -10.12 10.75
N ALA C 14 -27.47 -9.60 11.83
CA ALA C 14 -26.04 -9.46 11.97
C ALA C 14 -25.52 -10.41 13.06
N PHE C 15 -24.38 -11.04 12.74
CA PHE C 15 -23.66 -11.90 13.65
C PHE C 15 -22.44 -11.09 14.06
N ILE C 16 -22.34 -10.81 15.37
CA ILE C 16 -21.28 -9.95 15.92
C ILE C 16 -20.52 -10.66 17.03
N THR C 17 -19.21 -10.82 16.86
CA THR C 17 -18.35 -11.39 17.91
C THR C 17 -17.70 -10.31 18.79
N GLY C 18 -17.25 -10.72 19.99
CA GLY C 18 -16.75 -9.75 20.99
C GLY C 18 -17.83 -8.72 21.41
N ALA C 19 -19.07 -9.18 21.54
CA ALA C 19 -20.21 -8.28 21.73
C ALA C 19 -20.48 -7.89 23.18
N ALA C 20 -19.75 -8.45 24.14
CA ALA C 20 -20.03 -8.18 25.56
C ALA C 20 -19.82 -6.73 26.00
N ARG C 21 -19.02 -5.97 25.24
CA ARG C 21 -18.55 -4.63 25.67
C ARG C 21 -17.81 -3.95 24.50
N GLY C 22 -17.31 -2.74 24.77
CA GLY C 22 -16.49 -2.01 23.81
C GLY C 22 -17.10 -1.86 22.45
N GLN C 23 -16.28 -2.03 21.41
CA GLN C 23 -16.73 -1.86 20.02
C GLN C 23 -17.83 -2.86 19.62
N GLY C 24 -17.67 -4.11 20.05
CA GLY C 24 -18.68 -5.17 19.80
C GLY C 24 -20.06 -4.80 20.32
N ARG C 25 -20.13 -4.26 21.53
CA ARG C 25 -21.42 -3.83 22.05
C ARG C 25 -21.94 -2.65 21.24
N ALA C 26 -21.05 -1.70 20.88
CA ALA C 26 -21.46 -0.56 20.06
C ALA C 26 -22.03 -1.00 18.71
N HIS C 27 -21.42 -2.00 18.07
CA HIS C 27 -22.00 -2.53 16.82
C HIS C 27 -23.34 -3.16 17.05
N ALA C 28 -23.52 -3.90 18.16
CA ALA C 28 -24.82 -4.54 18.45
C ALA C 28 -25.92 -3.51 18.63
N VAL C 29 -25.62 -2.52 19.47
CA VAL C 29 -26.50 -1.43 19.81
C VAL C 29 -26.86 -0.63 18.56
N ARG C 30 -25.84 -0.32 17.75
CA ARG C 30 -26.10 0.50 16.56
C ARG C 30 -26.94 -0.26 15.55
N MET C 31 -26.57 -1.51 15.30
CA MET C 31 -27.25 -2.27 14.26
C MET C 31 -28.69 -2.60 14.66
N ALA C 32 -28.91 -2.83 15.96
CA ALA C 32 -30.27 -3.02 16.49
C ALA C 32 -31.10 -1.74 16.28
N ALA C 33 -30.52 -0.58 16.61
CA ALA C 33 -31.17 0.72 16.33
C ALA C 33 -31.48 0.90 14.84
N GLU C 34 -30.64 0.34 13.97
CA GLU C 34 -30.88 0.38 12.53
C GLU C 34 -31.91 -0.64 12.08
N GLY C 35 -32.46 -1.41 13.03
CA GLY C 35 -33.50 -2.40 12.72
C GLY C 35 -33.09 -3.86 12.56
N ALA C 36 -31.82 -4.18 12.79
CA ALA C 36 -31.37 -5.57 12.66
C ALA C 36 -31.55 -6.39 13.93
N ASP C 37 -31.87 -7.67 13.76
CA ASP C 37 -31.73 -8.63 14.86
C ASP C 37 -30.27 -9.15 14.94
N ILE C 38 -29.88 -9.65 16.11
CA ILE C 38 -28.48 -9.91 16.44
C ILE C 38 -28.21 -11.33 16.91
N ILE C 39 -27.13 -11.91 16.39
CA ILE C 39 -26.50 -13.10 16.98
C ILE C 39 -25.19 -12.59 17.56
N ALA C 40 -25.07 -12.61 18.88
CA ALA C 40 -23.94 -12.02 19.60
C ALA C 40 -23.19 -13.06 20.42
N VAL C 41 -21.88 -13.12 20.26
CA VAL C 41 -21.08 -14.04 21.05
C VAL C 41 -19.91 -13.30 21.71
N ASP C 42 -19.46 -13.83 22.85
CA ASP C 42 -18.28 -13.33 23.51
C ASP C 42 -17.75 -14.44 24.38
N ILE C 43 -16.42 -14.49 24.51
CA ILE C 43 -15.75 -15.40 25.44
C ILE C 43 -16.21 -15.16 26.90
N ALA C 44 -16.47 -13.89 27.22
CA ALA C 44 -16.98 -13.49 28.53
C ALA C 44 -16.23 -14.19 29.69
N GLY C 45 -14.92 -14.13 29.64
CA GLY C 45 -14.09 -14.81 30.61
C GLY C 45 -12.63 -14.63 30.32
N LYS C 46 -11.84 -15.51 30.89
CA LYS C 46 -10.38 -15.43 30.94
C LYS C 46 -9.73 -15.20 29.58
N LEU C 47 -8.82 -14.22 29.55
CA LEU C 47 -8.07 -13.87 28.36
C LEU C 47 -6.66 -14.47 28.45
N PRO C 48 -5.87 -14.47 27.35
CA PRO C 48 -4.52 -15.00 27.50
C PRO C 48 -3.74 -14.24 28.55
N SER C 49 -2.76 -14.91 29.15
CA SER C 49 -2.03 -14.31 30.24
C SER C 49 -1.16 -13.11 29.85
N CYS C 50 -0.82 -12.95 28.58
CA CYS C 50 -0.10 -11.74 28.12
C CYS C 50 -0.98 -10.48 28.08
N VAL C 51 -2.30 -10.67 28.19
CA VAL C 51 -3.24 -9.56 28.11
C VAL C 51 -3.28 -8.82 29.46
N PRO C 52 -2.95 -7.50 29.46
CA PRO C 52 -2.82 -6.76 30.71
C PRO C 52 -4.12 -6.10 31.24
N TYR C 53 -5.18 -6.05 30.45
CA TYR C 53 -6.42 -5.40 30.87
C TYR C 53 -7.44 -6.40 31.43
N ASP C 54 -8.60 -5.91 31.84
CA ASP C 54 -9.60 -6.76 32.47
C ASP C 54 -10.40 -7.58 31.46
N PRO C 55 -10.69 -8.85 31.79
CA PRO C 55 -11.54 -9.64 30.91
C PRO C 55 -13.01 -9.14 31.01
N ALA C 56 -13.82 -9.53 30.04
CA ALA C 56 -15.26 -9.33 30.15
C ALA C 56 -15.89 -10.45 30.99
N SER C 57 -17.16 -10.29 31.33
CA SER C 57 -17.91 -11.30 32.11
C SER C 57 -19.23 -11.66 31.40
N PRO C 58 -19.87 -12.79 31.80
CA PRO C 58 -21.23 -13.08 31.33
C PRO C 58 -22.22 -11.93 31.54
N ASP C 59 -22.08 -11.20 32.66
CA ASP C 59 -22.93 -10.06 32.97
C ASP C 59 -22.82 -8.96 31.92
N ASP C 60 -21.61 -8.75 31.39
CA ASP C 60 -21.39 -7.76 30.34
C ASP C 60 -22.21 -8.16 29.12
N LEU C 61 -22.13 -9.44 28.73
CA LEU C 61 -22.89 -9.93 27.58
C LEU C 61 -24.41 -9.80 27.79
N SER C 62 -24.87 -10.12 29.01
CA SER C 62 -26.29 -9.93 29.38
C SER C 62 -26.73 -8.47 29.26
N GLU C 63 -25.84 -7.54 29.61
CA GLU C 63 -26.14 -6.12 29.44
C GLU C 63 -26.28 -5.76 27.95
N THR C 64 -25.45 -6.36 27.10
CA THR C 64 -25.60 -6.16 25.64
C THR C 64 -26.96 -6.67 25.15
N VAL C 65 -27.32 -7.89 25.56
CA VAL C 65 -28.65 -8.45 25.33
C VAL C 65 -29.74 -7.47 25.78
N ARG C 66 -29.61 -6.95 27.00
CA ARG C 66 -30.53 -5.98 27.56
C ARG C 66 -30.73 -4.75 26.65
N LEU C 67 -29.63 -4.19 26.17
CA LEU C 67 -29.69 -2.99 25.35
C LEU C 67 -30.37 -3.25 23.98
N VAL C 68 -30.03 -4.35 23.32
CA VAL C 68 -30.64 -4.73 22.06
C VAL C 68 -32.17 -4.97 22.22
N GLU C 69 -32.54 -5.74 23.26
CA GLU C 69 -33.96 -5.97 23.59
C GLU C 69 -34.72 -4.67 23.87
N ALA C 70 -34.08 -3.74 24.59
CA ALA C 70 -34.67 -2.43 24.84
C ALA C 70 -34.85 -1.61 23.56
N ALA C 71 -34.04 -1.88 22.53
CA ALA C 71 -34.26 -1.32 21.20
C ALA C 71 -35.37 -2.04 20.44
N ASN C 72 -36.07 -2.95 21.11
CA ASN C 72 -37.15 -3.72 20.50
C ASN C 72 -36.70 -4.71 19.42
N ARG C 73 -35.48 -5.22 19.53
CA ARG C 73 -34.97 -6.20 18.58
C ARG C 73 -34.82 -7.58 19.21
N ARG C 74 -34.82 -8.61 18.38
CA ARG C 74 -34.51 -9.94 18.84
C ARG C 74 -33.00 -10.19 18.86
N ILE C 75 -32.53 -10.93 19.87
CA ILE C 75 -31.12 -11.27 20.00
C ILE C 75 -30.93 -12.69 20.51
N VAL C 76 -29.99 -13.39 19.89
CA VAL C 76 -29.56 -14.70 20.33
C VAL C 76 -28.11 -14.52 20.78
N ALA C 77 -27.81 -14.84 22.03
CA ALA C 77 -26.47 -14.54 22.54
C ALA C 77 -25.90 -15.78 23.15
N ALA C 78 -24.60 -15.95 23.06
CA ALA C 78 -23.99 -17.12 23.69
C ALA C 78 -22.58 -16.79 24.16
N VAL C 79 -22.18 -17.43 25.25
CA VAL C 79 -20.82 -17.39 25.70
C VAL C 79 -20.05 -18.48 24.95
N VAL C 80 -19.16 -18.06 24.04
CA VAL C 80 -18.35 -19.00 23.27
C VAL C 80 -17.05 -18.35 22.80
N ASP C 81 -16.00 -19.15 22.73
CA ASP C 81 -14.71 -18.68 22.24
C ASP C 81 -14.72 -18.77 20.69
N THR C 82 -14.36 -17.70 19.99
CA THR C 82 -14.19 -17.75 18.53
C THR C 82 -13.12 -18.76 18.04
N ARG C 83 -12.25 -19.21 18.93
CA ARG C 83 -11.25 -20.25 18.54
C ARG C 83 -11.86 -21.65 18.40
N ASP C 84 -13.11 -21.79 18.85
CA ASP C 84 -13.80 -23.07 18.90
C ASP C 84 -14.75 -23.13 17.70
N PHE C 85 -14.30 -23.74 16.61
CA PHE C 85 -15.10 -23.71 15.40
C PHE C 85 -16.43 -24.47 15.57
N ASP C 86 -16.38 -25.64 16.21
CA ASP C 86 -17.56 -26.50 16.36
C ASP C 86 -18.71 -25.77 17.10
N ARG C 87 -18.36 -25.16 18.24
CA ARG C 87 -19.33 -24.45 19.07
C ARG C 87 -19.85 -23.19 18.37
N LEU C 88 -18.94 -22.45 17.75
CA LEU C 88 -19.27 -21.22 17.09
C LEU C 88 -20.24 -21.50 15.97
N ARG C 89 -19.96 -22.54 15.17
CA ARG C 89 -20.85 -22.90 14.07
C ARG C 89 -22.25 -23.29 14.57
N LYS C 90 -22.29 -24.10 15.63
CA LYS C 90 -23.56 -24.49 16.25
C LYS C 90 -24.37 -23.28 16.77
N VAL C 91 -23.69 -22.32 17.40
CA VAL C 91 -24.35 -21.09 17.84
C VAL C 91 -24.99 -20.32 16.66
N VAL C 92 -24.21 -20.15 15.57
CA VAL C 92 -24.69 -19.45 14.38
C VAL C 92 -25.92 -20.17 13.83
N ASP C 93 -25.82 -21.50 13.73
CA ASP C 93 -26.93 -22.29 13.22
C ASP C 93 -28.21 -22.15 14.05
N ASP C 94 -28.09 -22.23 15.38
CA ASP C 94 -29.23 -21.98 16.28
C ASP C 94 -29.78 -20.57 16.09
N GLY C 95 -28.88 -19.60 15.93
CA GLY C 95 -29.28 -18.20 15.72
C GLY C 95 -30.06 -18.01 14.42
N VAL C 96 -29.56 -18.62 13.35
CA VAL C 96 -30.24 -18.53 12.05
C VAL C 96 -31.57 -19.30 12.05
N ALA C 97 -31.61 -20.46 12.74
CA ALA C 97 -32.89 -21.18 12.88
C ALA C 97 -33.94 -20.32 13.61
N ALA C 98 -33.49 -19.57 14.62
CA ALA C 98 -34.37 -18.70 15.37
C ALA C 98 -34.75 -17.42 14.61
N LEU C 99 -33.77 -16.79 13.96
CA LEU C 99 -33.96 -15.43 13.44
C LEU C 99 -34.34 -15.38 11.97
N GLY C 100 -33.99 -16.42 11.23
CA GLY C 100 -34.53 -16.58 9.89
C GLY C 100 -33.51 -16.49 8.76
N ARG C 101 -32.37 -15.85 9.02
CA ARG C 101 -31.44 -15.44 7.95
C ARG C 101 -30.13 -14.93 8.55
N LEU C 102 -29.10 -14.76 7.73
CA LEU C 102 -27.88 -14.04 8.16
C LEU C 102 -27.45 -13.13 7.01
N ASP C 103 -27.15 -11.87 7.32
CA ASP C 103 -26.82 -10.87 6.28
C ASP C 103 -25.47 -10.23 6.50
N ILE C 104 -25.15 -10.00 7.77
CA ILE C 104 -24.01 -9.22 8.14
C ILE C 104 -23.17 -10.04 9.14
N ILE C 105 -21.83 -10.02 8.94
CA ILE C 105 -20.91 -10.52 9.96
C ILE C 105 -19.94 -9.43 10.38
N VAL C 106 -19.79 -9.23 11.69
CA VAL C 106 -18.77 -8.33 12.21
C VAL C 106 -17.85 -9.21 13.06
N ALA C 107 -16.68 -9.51 12.49
CA ALA C 107 -15.63 -10.26 13.17
C ALA C 107 -14.76 -9.31 14.00
N ASN C 108 -15.18 -9.13 15.25
CA ASN C 108 -14.67 -8.05 16.12
C ASN C 108 -13.91 -8.55 17.34
N ALA C 109 -14.19 -9.78 17.78
CA ALA C 109 -13.48 -10.38 18.93
C ALA C 109 -11.96 -10.39 18.65
N GLY C 110 -11.19 -9.78 19.57
CA GLY C 110 -9.75 -9.68 19.41
C GLY C 110 -9.14 -9.26 20.74
N VAL C 111 -7.84 -9.54 20.89
CA VAL C 111 -7.03 -9.15 22.05
C VAL C 111 -5.77 -8.31 21.68
N ALA C 112 -5.27 -7.53 22.63
CA ALA C 112 -4.03 -6.77 22.48
C ALA C 112 -3.13 -7.00 23.68
N ALA C 113 -1.82 -6.98 23.48
CA ALA C 113 -0.87 -7.24 24.55
C ALA C 113 0.45 -6.55 24.26
N PRO C 114 0.69 -5.38 24.87
CA PRO C 114 1.99 -4.72 24.71
C PRO C 114 3.12 -5.52 25.37
N GLN C 115 4.17 -5.82 24.64
CA GLN C 115 5.28 -6.62 25.13
C GLN C 115 6.52 -6.27 24.31
N ALA C 116 7.67 -6.08 24.97
CA ALA C 116 8.95 -6.00 24.22
C ALA C 116 9.09 -7.31 23.43
N TRP C 117 9.71 -7.25 22.25
CA TRP C 117 9.72 -8.41 21.32
C TRP C 117 10.31 -9.63 22.00
N ASP C 118 11.34 -9.41 22.82
CA ASP C 118 12.04 -10.54 23.43
C ASP C 118 11.38 -11.06 24.71
N ASP C 119 10.22 -10.48 25.09
CA ASP C 119 9.40 -10.99 26.21
C ASP C 119 8.24 -11.85 25.73
N ILE C 120 7.97 -11.83 24.42
CA ILE C 120 6.91 -12.68 23.86
C ILE C 120 7.31 -14.14 23.89
N THR C 121 6.61 -14.94 24.71
CA THR C 121 6.83 -16.39 24.73
C THR C 121 6.13 -17.03 23.54
N PRO C 122 6.54 -18.27 23.17
CA PRO C 122 5.78 -19.00 22.13
C PRO C 122 4.28 -19.06 22.47
N GLU C 123 3.94 -19.21 23.76
CA GLU C 123 2.54 -19.25 24.21
C GLU C 123 1.83 -17.90 23.97
N ASP C 124 2.46 -16.79 24.35
CA ASP C 124 1.93 -15.49 24.04
C ASP C 124 1.65 -15.30 22.55
N PHE C 125 2.64 -15.65 21.72
CA PHE C 125 2.52 -15.51 20.28
C PHE C 125 1.33 -16.31 19.72
N ARG C 126 1.26 -17.59 20.09
CA ARG C 126 0.19 -18.47 19.62
C ARG C 126 -1.20 -17.96 20.07
N ASP C 127 -1.31 -17.50 21.32
CA ASP C 127 -2.57 -17.02 21.88
C ASP C 127 -3.09 -15.81 21.12
N VAL C 128 -2.23 -14.82 20.89
CA VAL C 128 -2.66 -13.62 20.18
C VAL C 128 -3.07 -13.99 18.74
N MET C 129 -2.25 -14.85 18.11
CA MET C 129 -2.51 -15.32 16.75
C MET C 129 -3.80 -16.14 16.64
N ASP C 130 -3.95 -17.17 17.49
CA ASP C 130 -5.18 -18.01 17.49
C ASP C 130 -6.43 -17.13 17.58
N ILE C 131 -6.43 -16.14 18.49
CA ILE C 131 -7.63 -15.33 18.69
C ILE C 131 -7.86 -14.39 17.52
N ASN C 132 -6.89 -13.53 17.22
CA ASN C 132 -7.06 -12.47 16.22
C ASN C 132 -7.15 -13.00 14.78
N VAL C 133 -6.49 -14.12 14.48
CA VAL C 133 -6.55 -14.68 13.14
C VAL C 133 -7.44 -15.93 13.06
N THR C 134 -7.14 -16.97 13.83
CA THR C 134 -7.99 -18.18 13.74
C THR C 134 -9.46 -17.93 14.16
N GLY C 135 -9.66 -17.12 15.19
CA GLY C 135 -11.01 -16.76 15.61
C GLY C 135 -11.75 -15.99 14.52
N THR C 136 -11.05 -15.09 13.85
CA THR C 136 -11.60 -14.30 12.76
C THR C 136 -11.98 -15.24 11.60
N TRP C 137 -11.11 -16.17 11.25
CA TRP C 137 -11.40 -17.13 10.18
C TRP C 137 -12.55 -18.01 10.56
N ASN C 138 -12.61 -18.47 11.81
CA ASN C 138 -13.71 -19.34 12.28
C ASN C 138 -15.08 -18.67 12.15
N THR C 139 -15.10 -17.37 12.45
CA THR C 139 -16.28 -16.51 12.35
C THR C 139 -16.86 -16.46 10.94
N VAL C 140 -16.01 -16.19 9.94
CA VAL C 140 -16.42 -16.20 8.55
C VAL C 140 -16.90 -17.60 8.12
N MET C 141 -16.15 -18.65 8.50
CA MET C 141 -16.56 -20.03 8.16
C MET C 141 -17.91 -20.47 8.76
N ALA C 142 -18.22 -20.00 9.98
CA ALA C 142 -19.52 -20.29 10.61
C ALA C 142 -20.65 -19.46 10.00
N GLY C 143 -20.38 -18.21 9.64
CA GLY C 143 -21.49 -17.40 9.07
C GLY C 143 -21.71 -17.43 7.58
N ALA C 144 -20.62 -17.47 6.79
CA ALA C 144 -20.74 -17.29 5.34
C ALA C 144 -21.63 -18.31 4.61
N PRO C 145 -21.61 -19.61 4.99
CA PRO C 145 -22.55 -20.55 4.32
C PRO C 145 -24.02 -20.12 4.49
N ARG C 146 -24.33 -19.53 5.65
CA ARG C 146 -25.68 -19.07 5.99
C ARG C 146 -26.11 -17.84 5.17
N ILE C 147 -25.17 -16.93 4.95
CA ILE C 147 -25.43 -15.79 4.05
C ILE C 147 -25.67 -16.31 2.63
N ILE C 148 -24.79 -17.21 2.19
CA ILE C 148 -24.92 -17.82 0.87
C ILE C 148 -26.27 -18.51 0.71
N GLU C 149 -26.70 -19.31 1.69
CA GLU C 149 -27.98 -20.01 1.50
C GLU C 149 -29.22 -19.09 1.41
N GLY C 150 -29.15 -17.89 1.99
CA GLY C 150 -30.24 -16.91 1.85
C GLY C 150 -30.40 -16.37 0.43
N GLY C 151 -29.35 -16.45 -0.38
CA GLY C 151 -29.36 -15.91 -1.76
C GLY C 151 -29.59 -14.41 -1.92
N ARG C 152 -29.25 -13.60 -0.91
CA ARG C 152 -29.48 -12.14 -0.98
C ARG C 152 -28.21 -11.26 -1.03
N GLY C 153 -27.03 -11.86 -1.13
CA GLY C 153 -25.79 -11.10 -0.97
C GLY C 153 -25.60 -10.85 0.52
N GLY C 154 -24.57 -10.11 0.86
CA GLY C 154 -24.33 -9.74 2.26
C GLY C 154 -23.04 -8.99 2.44
N SER C 155 -22.67 -8.80 3.71
CA SER C 155 -21.55 -7.94 4.02
C SER C 155 -20.78 -8.44 5.25
N ILE C 156 -19.51 -8.75 5.06
CA ILE C 156 -18.64 -9.27 6.09
C ILE C 156 -17.58 -8.20 6.39
N ILE C 157 -17.51 -7.79 7.65
CA ILE C 157 -16.56 -6.78 8.11
C ILE C 157 -15.62 -7.44 9.12
N LEU C 158 -14.32 -7.44 8.82
CA LEU C 158 -13.32 -7.99 9.73
C LEU C 158 -12.62 -6.84 10.45
N ILE C 159 -12.52 -6.87 11.77
CA ILE C 159 -11.88 -5.77 12.47
C ILE C 159 -10.39 -6.08 12.58
N SER C 160 -9.60 -5.30 11.84
CA SER C 160 -8.15 -5.38 11.88
C SER C 160 -7.68 -4.28 12.87
N SER C 161 -6.77 -3.41 12.44
CA SER C 161 -6.24 -2.30 13.23
C SER C 161 -5.42 -1.38 12.32
N ALA C 162 -5.07 -0.17 12.80
CA ALA C 162 -4.10 0.63 12.05
C ALA C 162 -2.81 -0.21 11.94
N ALA C 163 -2.54 -1.06 12.94
CA ALA C 163 -1.34 -1.94 12.91
C ALA C 163 -1.32 -2.89 11.74
N GLY C 164 -2.51 -3.24 11.23
CA GLY C 164 -2.60 -4.14 10.07
C GLY C 164 -2.57 -3.46 8.71
N MET C 165 -2.50 -2.11 8.70
CA MET C 165 -2.26 -1.33 7.46
C MET C 165 -0.82 -0.83 7.40
N LYS C 166 -0.35 -0.25 8.52
CA LYS C 166 1.01 0.21 8.66
C LYS C 166 1.68 -0.81 9.58
N MET C 167 1.94 -0.42 10.83
CA MET C 167 2.43 -1.34 11.87
C MET C 167 2.17 -0.67 13.23
N GLN C 168 2.31 -1.45 14.31
CA GLN C 168 2.31 -0.89 15.64
C GLN C 168 3.44 -1.52 16.44
N PRO C 169 4.28 -0.70 17.13
CA PRO C 169 5.44 -1.26 17.85
C PRO C 169 5.03 -2.00 19.12
N PHE C 170 5.90 -2.86 19.63
CA PHE C 170 5.77 -3.50 20.95
C PHE C 170 4.63 -4.47 21.04
N MET C 171 4.34 -5.09 19.90
CA MET C 171 3.50 -6.26 19.87
C MET C 171 3.59 -7.01 18.55
N ILE C 172 4.70 -7.73 18.40
CA ILE C 172 5.01 -8.46 17.17
C ILE C 172 3.82 -9.34 16.76
N HIS C 173 3.30 -10.13 17.71
CA HIS C 173 2.07 -10.95 17.48
C HIS C 173 0.88 -10.18 17.03
N TYR C 174 0.53 -9.13 17.76
CA TYR C 174 -0.62 -8.29 17.39
C TYR C 174 -0.53 -7.73 15.96
N THR C 175 0.61 -7.11 15.64
CA THR C 175 0.86 -6.53 14.33
C THR C 175 0.77 -7.63 13.25
N ALA C 176 1.33 -8.81 13.52
CA ALA C 176 1.33 -9.88 12.56
C ALA C 176 -0.11 -10.34 12.35
N SER C 177 -0.86 -10.47 13.45
CA SER C 177 -2.24 -10.96 13.35
C SER C 177 -3.15 -9.99 12.57
N LYS C 178 -2.92 -8.69 12.70
CA LYS C 178 -3.81 -7.70 12.10
C LYS C 178 -3.56 -7.54 10.60
N HIS C 179 -2.32 -7.75 10.17
CA HIS C 179 -1.98 -7.92 8.77
C HIS C 179 -2.60 -9.16 8.21
N ALA C 180 -2.53 -10.25 8.97
CA ALA C 180 -3.23 -11.50 8.58
C ALA C 180 -4.72 -11.24 8.34
N VAL C 181 -5.31 -10.36 9.16
CA VAL C 181 -6.72 -9.99 9.01
C VAL C 181 -6.95 -9.23 7.72
N THR C 182 -6.03 -8.28 7.40
CA THR C 182 -6.07 -7.67 6.05
C THR C 182 -6.11 -8.75 4.96
N GLY C 183 -5.28 -9.79 5.10
CA GLY C 183 -5.20 -10.82 4.05
C GLY C 183 -6.47 -11.64 3.95
N LEU C 184 -7.04 -11.98 5.11
CA LEU C 184 -8.31 -12.68 5.18
C LEU C 184 -9.41 -11.94 4.43
N ALA C 185 -9.51 -10.62 4.67
CA ALA C 185 -10.56 -9.81 4.02
C ALA C 185 -10.44 -9.89 2.50
N ARG C 186 -9.22 -9.71 1.98
CA ARG C 186 -8.95 -9.76 0.54
C ARG C 186 -9.24 -11.14 -0.04
N ALA C 187 -8.71 -12.17 0.63
CA ALA C 187 -8.89 -13.53 0.15
C ALA C 187 -10.36 -13.98 0.15
N PHE C 188 -11.06 -13.78 1.27
CA PHE C 188 -12.51 -14.04 1.29
C PHE C 188 -13.28 -13.17 0.30
N ALA C 189 -12.90 -11.89 0.15
CA ALA C 189 -13.62 -11.03 -0.80
C ALA C 189 -13.57 -11.64 -2.21
N ALA C 190 -12.40 -12.20 -2.57
CA ALA C 190 -12.18 -12.77 -3.89
C ALA C 190 -13.11 -13.95 -4.16
N GLU C 191 -13.19 -14.89 -3.22
CA GLU C 191 -13.99 -16.09 -3.50
C GLU C 191 -15.49 -15.93 -3.16
N LEU C 192 -15.84 -15.00 -2.27
CA LEU C 192 -17.27 -14.77 -1.92
C LEU C 192 -18.00 -13.74 -2.78
N GLY C 193 -17.26 -12.98 -3.58
CA GLY C 193 -17.85 -11.91 -4.39
C GLY C 193 -18.85 -12.44 -5.39
N LYS C 194 -18.60 -13.65 -5.91
CA LYS C 194 -19.56 -14.26 -6.81
C LYS C 194 -20.94 -14.48 -6.14
N HIS C 195 -21.01 -14.47 -4.80
CA HIS C 195 -22.29 -14.60 -4.09
C HIS C 195 -22.85 -13.25 -3.72
N SER C 196 -22.30 -12.20 -4.32
CA SER C 196 -22.62 -10.81 -3.93
C SER C 196 -22.39 -10.54 -2.43
N ILE C 197 -21.36 -11.18 -1.89
CA ILE C 197 -20.94 -10.95 -0.50
C ILE C 197 -19.70 -10.06 -0.52
N ARG C 198 -19.81 -8.86 0.03
CA ARG C 198 -18.63 -8.01 0.21
C ARG C 198 -17.85 -8.44 1.46
N VAL C 199 -16.52 -8.35 1.38
CA VAL C 199 -15.69 -8.57 2.55
C VAL C 199 -14.70 -7.44 2.64
N ASN C 200 -14.69 -6.75 3.77
CA ASN C 200 -13.83 -5.59 3.95
C ASN C 200 -13.17 -5.63 5.32
N SER C 201 -12.05 -4.93 5.48
CA SER C 201 -11.43 -4.82 6.80
C SER C 201 -11.42 -3.37 7.27
N VAL C 202 -11.52 -3.21 8.58
CA VAL C 202 -11.64 -1.87 9.18
C VAL C 202 -10.47 -1.72 10.12
N HIS C 203 -9.84 -0.53 10.06
CA HIS C 203 -8.56 -0.34 10.73
C HIS C 203 -8.54 0.83 11.68
N PRO C 204 -9.01 0.61 12.90
CA PRO C 204 -9.06 1.74 13.83
C PRO C 204 -7.69 2.07 14.40
N GLY C 205 -7.50 3.35 14.72
CA GLY C 205 -6.42 3.75 15.62
C GLY C 205 -6.90 3.46 17.03
N PRO C 206 -6.35 4.17 18.05
CA PRO C 206 -6.80 3.89 19.41
C PRO C 206 -8.31 4.12 19.57
N VAL C 207 -8.96 3.23 20.31
CA VAL C 207 -10.39 3.40 20.55
C VAL C 207 -10.65 3.37 22.04
N ASN C 208 -11.53 4.25 22.50
CA ASN C 208 -11.83 4.35 23.92
C ASN C 208 -12.72 3.20 24.44
N THR C 209 -12.11 2.06 24.75
CA THR C 209 -12.81 0.85 25.21
C THR C 209 -12.11 0.28 26.44
N PRO C 210 -12.70 -0.76 27.09
CA PRO C 210 -12.00 -1.41 28.22
C PRO C 210 -10.69 -2.11 27.85
N MET C 211 -10.33 -2.13 26.57
CA MET C 211 -8.97 -2.55 26.20
C MET C 211 -7.91 -1.61 26.83
N GLY C 212 -8.34 -0.41 27.28
CA GLY C 212 -7.51 0.50 28.09
C GLY C 212 -7.50 0.27 29.60
N SER C 213 -8.32 -0.67 30.08
CA SER C 213 -8.51 -0.91 31.53
C SER C 213 -7.34 -1.67 32.22
N GLY C 214 -7.59 -2.22 33.42
CA GLY C 214 -6.57 -2.96 34.20
C GLY C 214 -5.18 -2.34 34.10
N ASP C 215 -4.18 -3.17 33.74
CA ASP C 215 -2.81 -2.70 33.62
C ASP C 215 -2.37 -2.27 32.20
N MET C 216 -3.29 -1.83 31.34
CA MET C 216 -2.91 -1.50 29.97
C MET C 216 -1.97 -0.29 29.90
N VAL C 217 -2.29 0.77 30.63
CA VAL C 217 -1.47 2.00 30.65
C VAL C 217 -0.02 1.70 31.05
N THR C 218 0.13 0.96 32.15
CA THR C 218 1.41 0.48 32.66
C THR C 218 2.15 -0.36 31.62
N ALA C 219 1.49 -1.39 31.07
CA ALA C 219 2.09 -2.24 30.04
C ALA C 219 2.60 -1.42 28.84
N VAL C 220 1.81 -0.46 28.38
CA VAL C 220 2.23 0.41 27.28
C VAL C 220 3.49 1.21 27.66
N GLY C 221 3.44 1.89 28.81
CA GLY C 221 4.54 2.71 29.26
C GLY C 221 5.82 1.89 29.41
N GLN C 222 5.71 0.69 29.99
CA GLN C 222 6.87 -0.17 30.13
C GLN C 222 7.48 -0.62 28.80
N ALA C 223 6.64 -1.04 27.85
CA ALA C 223 7.14 -1.41 26.51
C ALA C 223 7.85 -0.22 25.83
N MET C 224 7.20 0.94 25.86
CA MET C 224 7.75 2.18 25.29
C MET C 224 9.16 2.55 25.78
N GLU C 225 9.40 2.35 27.09
CA GLU C 225 10.74 2.52 27.69
C GLU C 225 11.86 1.74 26.98
N THR C 226 11.52 0.58 26.43
CA THR C 226 12.53 -0.23 25.71
C THR C 226 12.96 0.37 24.35
N ASN C 227 12.16 1.28 23.79
CA ASN C 227 12.57 2.02 22.56
C ASN C 227 11.86 3.36 22.39
N PRO C 228 12.33 4.41 23.09
CA PRO C 228 11.66 5.70 23.03
C PRO C 228 11.55 6.29 21.60
N GLN C 229 12.45 5.90 20.70
CA GLN C 229 12.36 6.34 19.29
C GLN C 229 11.02 6.05 18.57
N LEU C 230 10.34 5.00 19.00
CA LEU C 230 9.14 4.50 18.36
C LEU C 230 7.84 5.13 18.90
N SER C 231 7.98 6.15 19.76
CA SER C 231 6.84 6.71 20.51
C SER C 231 5.76 7.41 19.69
N HIS C 232 6.07 7.84 18.46
CA HIS C 232 5.12 8.63 17.66
C HIS C 232 4.47 7.91 16.51
N VAL C 233 4.54 6.58 16.50
CA VAL C 233 3.91 5.78 15.44
C VAL C 233 2.37 6.01 15.33
N LEU C 234 1.71 6.33 16.44
CA LEU C 234 0.25 6.52 16.47
C LEU C 234 -0.21 7.98 16.46
N THR C 235 0.67 8.90 16.04
CA THR C 235 0.35 10.33 15.94
C THR C 235 -0.69 10.60 14.84
N PRO C 236 -1.81 11.29 15.19
CA PRO C 236 -2.86 11.65 14.23
C PRO C 236 -2.58 12.96 13.46
N PHE C 237 -3.31 13.16 12.36
CA PHE C 237 -3.32 14.46 11.66
C PHE C 237 -4.40 15.38 12.27
N LEU C 238 -5.50 14.79 12.75
CA LEU C 238 -6.51 15.56 13.51
C LEU C 238 -5.99 15.81 14.95
N PRO C 239 -6.63 16.70 15.73
CA PRO C 239 -6.19 16.93 17.12
C PRO C 239 -6.42 15.73 18.06
N ASP C 240 -7.43 14.91 17.77
CA ASP C 240 -7.76 13.77 18.62
C ASP C 240 -6.96 12.50 18.32
N TRP C 241 -6.34 11.97 19.37
CA TRP C 241 -5.59 10.70 19.32
C TRP C 241 -6.46 9.46 19.38
N VAL C 242 -7.70 9.62 19.81
CA VAL C 242 -8.55 8.49 20.19
C VAL C 242 -9.95 8.62 19.58
N ALA C 243 -10.48 7.53 19.06
CA ALA C 243 -11.84 7.52 18.56
C ALA C 243 -12.78 6.87 19.61
N GLU C 244 -14.07 7.11 19.50
CA GLU C 244 -15.04 6.43 20.36
C GLU C 244 -15.51 5.18 19.62
N PRO C 245 -16.02 4.18 20.37
CA PRO C 245 -16.55 2.97 19.70
C PRO C 245 -17.66 3.30 18.71
N GLU C 246 -18.47 4.32 19.01
CA GLU C 246 -19.52 4.84 18.08
C GLU C 246 -18.96 5.30 16.73
N ASP C 247 -17.77 5.89 16.76
CA ASP C 247 -17.06 6.26 15.51
C ASP C 247 -16.78 5.02 14.65
N ILE C 248 -16.37 3.92 15.28
CA ILE C 248 -16.15 2.68 14.55
C ILE C 248 -17.47 2.07 14.11
N ALA C 249 -18.45 2.00 15.01
CA ALA C 249 -19.81 1.59 14.65
C ALA C 249 -20.37 2.37 13.43
N ASP C 250 -20.08 3.66 13.33
CA ASP C 250 -20.47 4.48 12.14
C ASP C 250 -19.95 3.86 10.84
N THR C 251 -18.65 3.54 10.82
CA THR C 251 -17.99 2.96 9.63
C THR C 251 -18.49 1.53 9.35
N VAL C 252 -18.58 0.67 10.37
CA VAL C 252 -19.10 -0.71 10.19
C VAL C 252 -20.56 -0.72 9.70
N CYS C 253 -21.37 0.14 10.31
CA CYS C 253 -22.74 0.37 9.84
C CYS C 253 -22.83 0.72 8.35
N TRP C 254 -22.01 1.68 7.93
CA TRP C 254 -21.93 2.01 6.51
C TRP C 254 -21.54 0.81 5.66
N LEU C 255 -20.50 0.05 6.07
CA LEU C 255 -20.11 -1.15 5.34
C LEU C 255 -21.17 -2.25 5.32
N ALA C 256 -21.94 -2.38 6.39
CA ALA C 256 -23.07 -3.33 6.44
C ALA C 256 -24.21 -2.90 5.54
N SER C 257 -24.36 -1.59 5.36
CA SER C 257 -25.52 -1.00 4.68
C SER C 257 -25.45 -1.16 3.17
N ASP C 258 -26.58 -0.89 2.54
CA ASP C 258 -26.66 -0.89 1.07
C ASP C 258 -25.93 0.27 0.44
N GLU C 259 -25.42 1.20 1.24
CA GLU C 259 -24.73 2.35 0.69
C GLU C 259 -23.23 2.12 0.43
N SER C 260 -22.77 0.90 0.68
CA SER C 260 -21.44 0.45 0.28
C SER C 260 -21.49 -0.85 -0.53
N ARG C 261 -22.59 -1.09 -1.26
CA ARG C 261 -22.78 -2.33 -2.02
C ARG C 261 -21.67 -2.68 -3.03
N LYS C 262 -20.92 -1.67 -3.50
CA LYS C 262 -19.85 -1.90 -4.49
C LYS C 262 -18.46 -1.93 -3.89
N VAL C 263 -18.37 -1.74 -2.57
CA VAL C 263 -17.12 -1.69 -1.82
C VAL C 263 -16.81 -3.10 -1.31
N THR C 264 -15.68 -3.66 -1.75
CA THR C 264 -15.24 -4.98 -1.25
C THR C 264 -13.72 -5.13 -1.37
N ALA C 265 -13.13 -5.98 -0.52
CA ALA C 265 -11.68 -6.15 -0.39
C ALA C 265 -10.94 -4.86 0.06
N ALA C 266 -11.69 -3.91 0.63
CA ALA C 266 -11.07 -2.62 0.98
C ALA C 266 -10.56 -2.62 2.40
N GLN C 267 -9.50 -1.83 2.63
CA GLN C 267 -9.05 -1.57 3.97
CA GLN C 267 -8.99 -1.51 3.98
C GLN C 267 -9.53 -0.15 4.34
N ILE C 268 -10.43 -0.05 5.33
CA ILE C 268 -11.00 1.24 5.73
C ILE C 268 -10.37 1.73 7.05
N PRO C 269 -9.47 2.73 6.96
CA PRO C 269 -8.89 3.19 8.25
C PRO C 269 -9.82 4.15 9.02
N VAL C 270 -9.93 3.96 10.33
CA VAL C 270 -10.57 4.98 11.16
C VAL C 270 -9.58 5.41 12.24
N ASP C 271 -8.63 6.25 11.84
CA ASP C 271 -7.43 6.42 12.64
C ASP C 271 -6.95 7.88 12.70
N GLN C 272 -7.81 8.83 12.29
CA GLN C 272 -7.47 10.26 12.32
C GLN C 272 -6.18 10.53 11.53
N GLY C 273 -5.86 9.65 10.59
CA GLY C 273 -4.71 9.83 9.73
C GLY C 273 -3.40 9.14 10.11
N SER C 274 -3.33 8.48 11.28
CA SER C 274 -2.05 7.91 11.74
C SER C 274 -1.34 6.92 10.82
N THR C 275 -2.06 6.12 10.03
CA THR C 275 -1.40 5.23 9.07
C THR C 275 -0.61 5.96 7.95
N GLN C 276 -0.92 7.24 7.74
CA GLN C 276 -0.11 8.05 6.81
C GLN C 276 0.90 8.93 7.57
N TYR C 277 0.89 8.88 8.89
CA TYR C 277 1.89 9.60 9.65
C TYR C 277 3.20 8.81 9.64
N GLY D 7 32.81 -5.91 -13.86
CA GLY D 7 31.74 -4.98 -13.40
C GLY D 7 30.34 -5.47 -13.75
N LYS D 8 29.35 -5.04 -12.99
CA LYS D 8 27.98 -5.48 -13.25
C LYS D 8 27.34 -4.87 -14.54
N LEU D 9 27.93 -3.82 -15.10
CA LEU D 9 27.32 -3.14 -16.25
C LEU D 9 28.27 -2.95 -17.45
N GLU D 10 29.20 -3.90 -17.62
CA GLU D 10 30.15 -3.91 -18.73
C GLU D 10 29.42 -3.84 -20.05
N GLY D 11 29.83 -2.89 -20.88
CA GLY D 11 29.27 -2.70 -22.21
C GLY D 11 27.93 -2.00 -22.23
N ARG D 12 27.39 -1.66 -21.05
CA ARG D 12 26.08 -1.01 -21.01
C ARG D 12 26.19 0.53 -21.11
N VAL D 13 25.06 1.18 -21.39
CA VAL D 13 24.97 2.65 -21.43
C VAL D 13 23.74 3.11 -20.60
N ALA D 14 24.02 4.09 -19.74
CA ALA D 14 23.06 4.65 -18.84
C ALA D 14 22.88 6.16 -19.10
N PHE D 15 21.62 6.55 -19.20
CA PHE D 15 21.17 7.93 -19.32
C PHE D 15 20.71 8.38 -17.93
N ILE D 16 21.42 9.37 -17.37
CA ILE D 16 21.15 9.80 -15.98
C ILE D 16 20.86 11.30 -15.92
N THR D 17 19.73 11.68 -15.32
CA THR D 17 19.39 13.09 -15.22
C THR D 17 19.77 13.64 -13.82
N GLY D 18 19.91 14.97 -13.73
CA GLY D 18 20.27 15.58 -12.43
C GLY D 18 21.67 15.10 -12.03
N ALA D 19 22.53 14.93 -13.03
CA ALA D 19 23.85 14.33 -12.90
C ALA D 19 24.95 15.28 -12.43
N ALA D 20 24.69 16.59 -12.31
CA ALA D 20 25.76 17.54 -11.94
C ALA D 20 26.28 17.36 -10.50
N ARG D 21 25.51 16.76 -9.61
CA ARG D 21 25.95 16.66 -8.20
C ARG D 21 25.05 15.66 -7.47
N GLY D 22 25.25 15.52 -6.18
CA GLY D 22 24.34 14.76 -5.32
C GLY D 22 24.16 13.31 -5.76
N GLN D 23 22.94 12.80 -5.66
CA GLN D 23 22.70 11.39 -6.02
C GLN D 23 22.92 11.12 -7.49
N GLY D 24 22.57 12.08 -8.35
CA GLY D 24 22.81 11.89 -9.79
C GLY D 24 24.29 11.68 -10.14
N ARG D 25 25.15 12.43 -9.48
CA ARG D 25 26.59 12.24 -9.70
C ARG D 25 27.01 10.86 -9.16
N ALA D 26 26.46 10.45 -8.01
CA ALA D 26 26.83 9.19 -7.38
C ALA D 26 26.46 8.02 -8.28
N HIS D 27 25.34 8.14 -8.99
CA HIS D 27 24.90 7.13 -9.93
C HIS D 27 25.83 7.01 -11.11
N ALA D 28 26.20 8.15 -11.71
CA ALA D 28 27.16 8.23 -12.81
C ALA D 28 28.50 7.57 -12.42
N VAL D 29 29.03 7.99 -11.27
CA VAL D 29 30.27 7.44 -10.76
C VAL D 29 30.20 5.95 -10.47
N ARG D 30 29.14 5.53 -9.79
CA ARG D 30 28.94 4.13 -9.50
C ARG D 30 28.77 3.31 -10.79
N MET D 31 27.93 3.77 -11.71
CA MET D 31 27.71 2.97 -12.92
C MET D 31 28.94 2.93 -13.83
N ALA D 32 29.74 4.00 -13.80
CA ALA D 32 30.99 4.05 -14.53
C ALA D 32 31.97 3.00 -13.97
N ALA D 33 32.15 3.01 -12.64
CA ALA D 33 32.93 1.98 -11.96
C ALA D 33 32.47 0.57 -12.32
N GLU D 34 31.20 0.40 -12.66
CA GLU D 34 30.64 -0.91 -13.04
C GLU D 34 30.80 -1.25 -14.53
N GLY D 35 31.40 -0.33 -15.27
CA GLY D 35 31.73 -0.56 -16.68
C GLY D 35 30.80 0.14 -17.67
N ALA D 36 29.86 0.93 -17.18
CA ALA D 36 28.89 1.60 -18.07
C ALA D 36 29.39 2.93 -18.61
N ASP D 37 29.11 3.20 -19.88
CA ASP D 37 29.25 4.57 -20.40
C ASP D 37 27.99 5.37 -20.11
N ILE D 38 28.14 6.68 -20.04
CA ILE D 38 27.12 7.55 -19.45
C ILE D 38 26.64 8.66 -20.40
N ILE D 39 25.34 8.93 -20.38
CA ILE D 39 24.78 10.12 -20.99
C ILE D 39 24.21 10.90 -19.83
N ALA D 40 24.85 12.03 -19.51
CA ALA D 40 24.55 12.79 -18.31
C ALA D 40 23.96 14.18 -18.61
N VAL D 41 22.82 14.47 -18.02
CA VAL D 41 22.23 15.82 -18.20
C VAL D 41 21.92 16.52 -16.86
N ASP D 42 22.09 17.83 -16.85
CA ASP D 42 21.65 18.66 -15.73
C ASP D 42 21.23 20.05 -16.21
N ILE D 43 20.25 20.63 -15.50
CA ILE D 43 19.81 22.01 -15.75
C ILE D 43 20.95 22.98 -15.47
N ALA D 44 21.78 22.65 -14.47
CA ALA D 44 23.02 23.40 -14.19
C ALA D 44 22.77 24.92 -14.16
N GLY D 45 21.72 25.32 -13.46
CA GLY D 45 21.35 26.72 -13.43
C GLY D 45 20.14 26.94 -12.56
N LYS D 46 19.54 28.11 -12.72
CA LYS D 46 18.50 28.62 -11.81
C LYS D 46 17.36 27.64 -11.57
N LEU D 47 17.01 27.45 -10.30
CA LEU D 47 15.87 26.60 -9.94
C LEU D 47 14.64 27.48 -9.67
N PRO D 48 13.43 26.87 -9.54
CA PRO D 48 12.25 27.67 -9.20
C PRO D 48 12.47 28.51 -7.93
N SER D 49 11.80 29.66 -7.87
CA SER D 49 11.96 30.58 -6.71
C SER D 49 11.57 29.99 -5.33
N CYS D 50 10.72 28.98 -5.30
CA CYS D 50 10.38 28.32 -4.02
C CYS D 50 11.47 27.41 -3.46
N VAL D 51 12.48 27.10 -4.27
CA VAL D 51 13.59 26.23 -3.85
C VAL D 51 14.59 27.04 -2.99
N PRO D 52 14.84 26.58 -1.76
CA PRO D 52 15.63 27.39 -0.80
C PRO D 52 17.14 27.14 -0.80
N TYR D 53 17.58 26.05 -1.44
CA TYR D 53 19.00 25.67 -1.47
C TYR D 53 19.69 26.20 -2.72
N ASP D 54 20.98 26.00 -2.84
CA ASP D 54 21.73 26.58 -3.96
C ASP D 54 21.58 25.75 -5.25
N PRO D 55 21.54 26.42 -6.42
CA PRO D 55 21.47 25.72 -7.69
C PRO D 55 22.80 25.04 -8.03
N ALA D 56 22.80 24.11 -9.00
CA ALA D 56 24.06 23.59 -9.56
C ALA D 56 24.57 24.57 -10.63
N SER D 57 25.81 24.41 -11.08
CA SER D 57 26.35 25.25 -12.16
C SER D 57 26.87 24.34 -13.30
N PRO D 58 27.18 24.92 -14.50
CA PRO D 58 27.88 24.08 -15.51
C PRO D 58 29.17 23.41 -15.01
N ASP D 59 29.91 24.08 -14.13
CA ASP D 59 31.10 23.49 -13.53
C ASP D 59 30.83 22.23 -12.73
N ASP D 60 29.69 22.19 -12.03
CA ASP D 60 29.31 20.97 -11.33
C ASP D 60 29.16 19.85 -12.32
N LEU D 61 28.52 20.12 -13.45
CA LEU D 61 28.36 19.07 -14.46
C LEU D 61 29.71 18.63 -15.05
N SER D 62 30.65 19.56 -15.24
CA SER D 62 31.98 19.19 -15.77
C SER D 62 32.73 18.28 -14.79
N GLU D 63 32.57 18.54 -13.49
CA GLU D 63 33.21 17.70 -12.48
C GLU D 63 32.70 16.26 -12.50
N THR D 64 31.42 16.07 -12.80
CA THR D 64 30.91 14.72 -13.05
C THR D 64 31.56 14.11 -14.28
N VAL D 65 31.68 14.89 -15.35
CA VAL D 65 32.42 14.44 -16.54
C VAL D 65 33.85 13.96 -16.19
N ARG D 66 34.58 14.73 -15.37
CA ARG D 66 35.95 14.39 -15.01
C ARG D 66 36.02 13.06 -14.28
N LEU D 67 35.11 12.91 -13.31
CA LEU D 67 35.04 11.71 -12.48
C LEU D 67 34.76 10.48 -13.35
N VAL D 68 33.82 10.60 -14.28
CA VAL D 68 33.51 9.45 -15.13
C VAL D 68 34.69 9.10 -16.06
N GLU D 69 35.29 10.12 -16.69
CA GLU D 69 36.48 9.90 -17.50
C GLU D 69 37.65 9.36 -16.70
N ALA D 70 37.80 9.79 -15.45
CA ALA D 70 38.83 9.24 -14.57
C ALA D 70 38.63 7.75 -14.29
N ALA D 71 37.39 7.26 -14.43
CA ALA D 71 37.10 5.82 -14.32
C ALA D 71 37.33 5.09 -15.65
N ASN D 72 37.91 5.80 -16.62
CA ASN D 72 38.21 5.24 -17.93
C ASN D 72 36.98 4.88 -18.77
N ARG D 73 35.91 5.66 -18.58
CA ARG D 73 34.65 5.45 -19.29
C ARG D 73 34.34 6.63 -20.20
N ARG D 74 33.45 6.40 -21.15
CA ARG D 74 33.01 7.47 -22.03
C ARG D 74 31.75 8.13 -21.48
N ILE D 75 31.66 9.45 -21.66
CA ILE D 75 30.52 10.22 -21.20
C ILE D 75 30.11 11.32 -22.20
N VAL D 76 28.82 11.38 -22.52
CA VAL D 76 28.24 12.49 -23.25
C VAL D 76 27.42 13.30 -22.23
N ALA D 77 27.69 14.60 -22.15
CA ALA D 77 27.02 15.43 -21.17
C ALA D 77 26.51 16.69 -21.79
N ALA D 78 25.41 17.19 -21.23
CA ALA D 78 24.75 18.38 -21.76
C ALA D 78 24.00 19.13 -20.71
N VAL D 79 24.04 20.45 -20.85
CA VAL D 79 23.25 21.30 -19.97
C VAL D 79 21.87 21.35 -20.58
N VAL D 80 20.90 20.72 -19.91
CA VAL D 80 19.52 20.71 -20.40
C VAL D 80 18.48 20.54 -19.30
N ASP D 81 17.37 21.25 -19.46
CA ASP D 81 16.24 21.18 -18.54
C ASP D 81 15.39 20.00 -18.94
N THR D 82 15.07 19.13 -17.98
CA THR D 82 14.22 17.96 -18.28
C THR D 82 12.78 18.36 -18.68
N ARG D 83 12.38 19.59 -18.37
CA ARG D 83 11.13 20.13 -18.91
C ARG D 83 11.16 20.42 -20.42
N ASP D 84 12.32 20.38 -21.03
CA ASP D 84 12.50 20.72 -22.44
C ASP D 84 12.59 19.43 -23.24
N PHE D 85 11.43 18.89 -23.58
CA PHE D 85 11.36 17.65 -24.32
C PHE D 85 12.16 17.68 -25.63
N ASP D 86 12.00 18.73 -26.42
CA ASP D 86 12.72 18.84 -27.70
C ASP D 86 14.25 18.73 -27.54
N ARG D 87 14.82 19.49 -26.62
CA ARG D 87 16.27 19.48 -26.42
C ARG D 87 16.72 18.16 -25.78
N LEU D 88 15.94 17.66 -24.84
CA LEU D 88 16.29 16.41 -24.18
C LEU D 88 16.34 15.24 -25.16
N ARG D 89 15.34 15.13 -26.05
CA ARG D 89 15.31 14.04 -27.06
C ARG D 89 16.55 14.11 -27.99
N LYS D 90 16.90 15.32 -28.43
CA LYS D 90 18.07 15.52 -29.27
C LYS D 90 19.37 15.14 -28.57
N VAL D 91 19.50 15.55 -27.32
CA VAL D 91 20.67 15.20 -26.53
C VAL D 91 20.75 13.69 -26.32
N VAL D 92 19.63 13.06 -25.95
CA VAL D 92 19.63 11.60 -25.83
C VAL D 92 19.99 10.91 -27.14
N ASP D 93 19.39 11.35 -28.25
CA ASP D 93 19.62 10.70 -29.55
C ASP D 93 21.09 10.82 -29.99
N ASP D 94 21.67 12.02 -29.84
CA ASP D 94 23.10 12.23 -30.10
C ASP D 94 24.00 11.39 -29.20
N GLY D 95 23.66 11.32 -27.91
CA GLY D 95 24.40 10.47 -26.97
C GLY D 95 24.38 9.00 -27.34
N VAL D 96 23.22 8.51 -27.76
CA VAL D 96 23.10 7.09 -28.13
C VAL D 96 23.85 6.82 -29.44
N ALA D 97 23.77 7.77 -30.37
CA ALA D 97 24.58 7.71 -31.59
C ALA D 97 26.08 7.61 -31.26
N ALA D 98 26.53 8.39 -30.27
CA ALA D 98 27.92 8.38 -29.84
C ALA D 98 28.35 7.12 -29.09
N LEU D 99 27.49 6.58 -28.21
CA LEU D 99 27.89 5.47 -27.36
C LEU D 99 27.44 4.10 -27.87
N GLY D 100 26.50 4.07 -28.80
CA GLY D 100 26.16 2.83 -29.53
C GLY D 100 24.88 2.09 -29.14
N ARG D 101 24.26 2.48 -28.01
CA ARG D 101 23.11 1.76 -27.41
C ARG D 101 22.59 2.49 -26.17
N LEU D 102 21.42 2.10 -25.68
CA LEU D 102 20.97 2.55 -24.38
C LEU D 102 20.33 1.40 -23.62
N ASP D 103 20.67 1.26 -22.34
CA ASP D 103 20.15 0.13 -21.55
C ASP D 103 19.42 0.56 -20.31
N ILE D 104 19.88 1.66 -19.74
CA ILE D 104 19.46 2.11 -18.42
C ILE D 104 19.06 3.60 -18.45
N ILE D 105 17.94 3.91 -17.81
CA ILE D 105 17.58 5.30 -17.54
C ILE D 105 17.44 5.50 -16.03
N VAL D 106 18.13 6.52 -15.48
CA VAL D 106 17.87 6.98 -14.10
C VAL D 106 17.29 8.39 -14.18
N ALA D 107 16.00 8.50 -13.95
CA ALA D 107 15.29 9.80 -13.95
C ALA D 107 15.36 10.38 -12.54
N ASN D 108 16.40 11.20 -12.31
CA ASN D 108 16.81 11.61 -10.99
C ASN D 108 16.68 13.11 -10.72
N ALA D 109 16.76 13.97 -11.75
CA ALA D 109 16.45 15.41 -11.61
C ALA D 109 15.13 15.63 -10.86
N GLY D 110 15.19 16.42 -9.79
CA GLY D 110 14.05 16.78 -8.97
C GLY D 110 14.43 17.98 -8.10
N VAL D 111 13.40 18.66 -7.59
CA VAL D 111 13.53 19.77 -6.65
C VAL D 111 12.59 19.52 -5.45
N ALA D 112 12.94 20.13 -4.32
CA ALA D 112 12.16 20.13 -3.08
C ALA D 112 12.04 21.58 -2.60
N ALA D 113 10.92 21.89 -1.94
CA ALA D 113 10.70 23.23 -1.40
C ALA D 113 9.77 23.14 -0.19
N PRO D 114 10.33 23.15 1.04
CA PRO D 114 9.50 23.26 2.24
C PRO D 114 8.69 24.56 2.23
N GLN D 115 7.37 24.44 2.32
CA GLN D 115 6.47 25.60 2.36
C GLN D 115 5.20 25.23 3.12
N ALA D 116 4.72 26.09 4.01
CA ALA D 116 3.32 25.97 4.48
C ALA D 116 2.36 25.88 3.28
N TRP D 117 1.33 25.06 3.40
CA TRP D 117 0.40 24.79 2.30
C TRP D 117 -0.18 26.08 1.75
N ASP D 118 -0.53 27.02 2.64
CA ASP D 118 -1.19 28.25 2.19
C ASP D 118 -0.20 29.28 1.63
N ASP D 119 1.10 28.94 1.64
CA ASP D 119 2.15 29.82 1.04
C ASP D 119 2.56 29.37 -0.37
N ILE D 120 2.09 28.21 -0.80
CA ILE D 120 2.35 27.73 -2.16
C ILE D 120 1.51 28.54 -3.16
N THR D 121 2.17 29.30 -4.04
CA THR D 121 1.45 30.04 -5.09
C THR D 121 1.19 29.07 -6.26
N PRO D 122 0.28 29.42 -7.18
CA PRO D 122 0.11 28.62 -8.40
C PRO D 122 1.42 28.37 -9.16
N GLU D 123 2.27 29.41 -9.26
CA GLU D 123 3.65 29.27 -9.77
C GLU D 123 4.49 28.16 -9.10
N ASP D 124 4.56 28.19 -7.76
CA ASP D 124 5.35 27.21 -7.01
C ASP D 124 4.87 25.79 -7.31
N PHE D 125 3.55 25.62 -7.26
CA PHE D 125 2.93 24.34 -7.48
C PHE D 125 3.26 23.82 -8.88
N ARG D 126 3.06 24.67 -9.86
CA ARG D 126 3.32 24.36 -11.24
C ARG D 126 4.80 23.97 -11.46
N ASP D 127 5.74 24.72 -10.87
CA ASP D 127 7.17 24.52 -11.11
C ASP D 127 7.65 23.18 -10.55
N VAL D 128 7.26 22.90 -9.30
CA VAL D 128 7.58 21.64 -8.66
C VAL D 128 6.96 20.47 -9.43
N MET D 129 5.68 20.60 -9.80
CA MET D 129 5.02 19.55 -10.61
C MET D 129 5.69 19.33 -11.96
N ASP D 130 5.99 20.42 -12.65
CA ASP D 130 6.57 20.38 -13.98
C ASP D 130 7.92 19.67 -13.93
N ILE D 131 8.78 20.02 -12.96
CA ILE D 131 10.08 19.40 -12.91
C ILE D 131 9.96 17.94 -12.48
N ASN D 132 9.26 17.69 -11.36
CA ASN D 132 9.32 16.37 -10.71
C ASN D 132 8.51 15.32 -11.47
N VAL D 133 7.45 15.75 -12.16
CA VAL D 133 6.60 14.80 -12.92
C VAL D 133 6.82 14.92 -14.42
N THR D 134 6.54 16.10 -14.98
CA THR D 134 6.70 16.30 -16.42
C THR D 134 8.13 16.01 -16.90
N GLY D 135 9.12 16.45 -16.11
CA GLY D 135 10.51 16.19 -16.43
C GLY D 135 10.80 14.70 -16.43
N THR D 136 10.28 14.02 -15.40
CA THR D 136 10.44 12.58 -15.29
C THR D 136 9.81 11.88 -16.50
N TRP D 137 8.58 12.26 -16.84
CA TRP D 137 7.91 11.70 -18.02
C TRP D 137 8.70 11.97 -19.29
N ASN D 138 9.19 13.21 -19.45
CA ASN D 138 10.03 13.60 -20.61
C ASN D 138 11.27 12.69 -20.74
N THR D 139 11.88 12.38 -19.61
CA THR D 139 13.06 11.55 -19.56
C THR D 139 12.83 10.13 -20.10
N VAL D 140 11.72 9.50 -19.72
CA VAL D 140 11.38 8.17 -20.19
C VAL D 140 11.04 8.22 -21.66
N MET D 141 10.26 9.21 -22.05
CA MET D 141 9.87 9.39 -23.46
C MET D 141 11.07 9.57 -24.39
N ALA D 142 12.10 10.25 -23.91
CA ALA D 142 13.29 10.50 -24.73
C ALA D 142 14.15 9.24 -24.78
N GLY D 143 14.20 8.49 -23.69
CA GLY D 143 15.10 7.35 -23.63
C GLY D 143 14.53 6.02 -24.11
N ALA D 144 13.29 5.71 -23.74
CA ALA D 144 12.76 4.36 -23.95
C ALA D 144 12.80 3.85 -25.40
N PRO D 145 12.50 4.73 -26.40
CA PRO D 145 12.64 4.27 -27.77
C PRO D 145 14.06 3.75 -28.12
N ARG D 146 15.09 4.34 -27.50
CA ARG D 146 16.47 3.95 -27.79
C ARG D 146 16.78 2.62 -27.14
N ILE D 147 16.15 2.32 -25.99
CA ILE D 147 16.28 1.02 -25.37
C ILE D 147 15.59 -0.02 -26.25
N ILE D 148 14.37 0.29 -26.65
CA ILE D 148 13.55 -0.63 -27.43
C ILE D 148 14.27 -1.06 -28.71
N GLU D 149 14.84 -0.10 -29.44
CA GLU D 149 15.44 -0.39 -30.73
C GLU D 149 16.64 -1.36 -30.62
N GLY D 150 17.31 -1.34 -29.48
CA GLY D 150 18.41 -2.24 -29.23
C GLY D 150 18.00 -3.69 -29.08
N GLY D 151 16.73 -3.93 -28.76
CA GLY D 151 16.16 -5.29 -28.72
C GLY D 151 16.71 -6.16 -27.62
N ARG D 152 17.25 -5.56 -26.56
CA ARG D 152 17.89 -6.31 -25.49
C ARG D 152 17.14 -6.21 -24.16
N GLY D 153 16.05 -5.46 -24.11
CA GLY D 153 15.41 -5.15 -22.84
C GLY D 153 16.22 -4.07 -22.14
N GLY D 154 15.90 -3.79 -20.88
CA GLY D 154 16.60 -2.76 -20.15
C GLY D 154 15.90 -2.37 -18.86
N SER D 155 16.37 -1.30 -18.24
CA SER D 155 15.94 -0.98 -16.88
C SER D 155 15.85 0.53 -16.65
N ILE D 156 14.68 0.96 -16.20
CA ILE D 156 14.40 2.38 -16.04
C ILE D 156 14.08 2.55 -14.57
N ILE D 157 14.79 3.47 -13.93
CA ILE D 157 14.59 3.75 -12.52
C ILE D 157 14.13 5.22 -12.35
N LEU D 158 12.94 5.40 -11.76
CA LEU D 158 12.44 6.74 -11.46
C LEU D 158 12.68 7.08 -9.99
N ILE D 159 13.34 8.21 -9.75
CA ILE D 159 13.58 8.65 -8.38
C ILE D 159 12.36 9.45 -7.87
N SER D 160 11.62 8.79 -6.96
CA SER D 160 10.49 9.34 -6.27
C SER D 160 11.05 9.85 -4.92
N SER D 161 10.45 9.39 -3.82
CA SER D 161 10.80 9.81 -2.46
C SER D 161 9.99 8.94 -1.48
N ALA D 162 10.41 8.87 -0.22
CA ALA D 162 9.51 8.34 0.83
C ALA D 162 8.11 9.02 0.76
N ALA D 163 8.11 10.34 0.47
CA ALA D 163 6.91 11.13 0.30
C ALA D 163 5.94 10.49 -0.73
N GLY D 164 6.50 9.78 -1.71
CA GLY D 164 5.67 9.15 -2.77
C GLY D 164 5.16 7.75 -2.43
N MET D 165 5.54 7.22 -1.25
CA MET D 165 4.98 5.98 -0.72
C MET D 165 4.06 6.28 0.45
N LYS D 166 4.50 7.15 1.35
CA LYS D 166 3.70 7.55 2.49
C LYS D 166 3.30 9.00 2.18
N MET D 167 3.94 9.96 2.83
CA MET D 167 3.72 11.37 2.53
C MET D 167 4.80 12.11 3.31
N GLN D 168 5.05 13.35 2.92
CA GLN D 168 5.92 14.18 3.71
C GLN D 168 5.23 15.53 3.90
N PRO D 169 5.16 16.03 5.15
CA PRO D 169 4.45 17.31 5.38
C PRO D 169 5.19 18.55 4.87
N PHE D 170 4.44 19.63 4.73
CA PHE D 170 4.95 20.96 4.39
C PHE D 170 5.54 21.07 3.00
N MET D 171 5.01 20.28 2.07
CA MET D 171 5.28 20.52 0.66
C MET D 171 4.23 19.77 -0.18
N ILE D 172 3.05 20.41 -0.31
CA ILE D 172 1.92 19.80 -1.01
C ILE D 172 2.30 19.39 -2.43
N HIS D 173 2.93 20.30 -3.18
CA HIS D 173 3.44 20.03 -4.53
C HIS D 173 4.36 18.83 -4.57
N TYR D 174 5.31 18.80 -3.65
CA TYR D 174 6.33 17.73 -3.63
C TYR D 174 5.74 16.36 -3.44
N THR D 175 4.87 16.22 -2.44
CA THR D 175 4.27 14.94 -2.09
C THR D 175 3.39 14.49 -3.26
N ALA D 176 2.63 15.42 -3.83
CA ALA D 176 1.82 15.07 -5.00
C ALA D 176 2.70 14.62 -6.15
N SER D 177 3.79 15.34 -6.38
CA SER D 177 4.69 15.00 -7.50
C SER D 177 5.34 13.63 -7.33
N LYS D 178 5.75 13.32 -6.11
CA LYS D 178 6.41 12.04 -5.87
C LYS D 178 5.47 10.84 -5.91
N HIS D 179 4.22 11.07 -5.53
CA HIS D 179 3.17 10.10 -5.83
C HIS D 179 2.93 9.88 -7.31
N ALA D 180 2.90 10.97 -8.08
CA ALA D 180 2.78 10.89 -9.53
C ALA D 180 3.89 9.99 -10.12
N VAL D 181 5.08 10.09 -9.53
CA VAL D 181 6.25 9.32 -9.98
C VAL D 181 6.03 7.82 -9.75
N THR D 182 5.52 7.47 -8.56
CA THR D 182 5.02 6.08 -8.35
C THR D 182 4.08 5.65 -9.48
N GLY D 183 3.11 6.51 -9.84
CA GLY D 183 2.19 6.22 -10.92
C GLY D 183 2.85 6.03 -12.30
N LEU D 184 3.79 6.92 -12.62
CA LEU D 184 4.60 6.78 -13.84
C LEU D 184 5.32 5.41 -13.88
N ALA D 185 5.96 5.03 -12.79
CA ALA D 185 6.70 3.72 -12.79
C ALA D 185 5.79 2.52 -13.07
N ARG D 186 4.63 2.46 -12.39
CA ARG D 186 3.67 1.36 -12.63
C ARG D 186 3.06 1.38 -14.04
N ALA D 187 2.71 2.58 -14.51
CA ALA D 187 2.12 2.75 -15.84
C ALA D 187 3.13 2.41 -16.92
N PHE D 188 4.33 2.98 -16.82
CA PHE D 188 5.38 2.62 -17.81
C PHE D 188 5.79 1.14 -17.72
N ALA D 189 5.88 0.59 -16.50
CA ALA D 189 6.17 -0.84 -16.36
C ALA D 189 5.14 -1.70 -17.12
N ALA D 190 3.86 -1.33 -17.09
CA ALA D 190 2.80 -2.16 -17.68
C ALA D 190 2.94 -2.21 -19.20
N GLU D 191 3.16 -1.06 -19.83
CA GLU D 191 3.24 -1.04 -21.28
C GLU D 191 4.61 -1.35 -21.88
N LEU D 192 5.67 -1.10 -21.13
CA LEU D 192 7.03 -1.40 -21.66
C LEU D 192 7.51 -2.80 -21.34
N GLY D 193 6.80 -3.49 -20.45
CA GLY D 193 7.18 -4.82 -19.99
C GLY D 193 7.31 -5.79 -21.16
N LYS D 194 6.45 -5.63 -22.19
CA LYS D 194 6.49 -6.53 -23.35
C LYS D 194 7.84 -6.39 -24.10
N HIS D 195 8.58 -5.28 -23.90
CA HIS D 195 9.91 -5.17 -24.49
C HIS D 195 10.99 -5.67 -23.56
N SER D 196 10.61 -6.39 -22.50
CA SER D 196 11.56 -6.74 -21.43
C SER D 196 12.24 -5.52 -20.77
N ILE D 197 11.48 -4.43 -20.64
CA ILE D 197 11.97 -3.24 -19.96
C ILE D 197 11.28 -3.14 -18.61
N ARG D 198 12.09 -3.21 -17.55
CA ARG D 198 11.63 -2.96 -16.19
C ARG D 198 11.55 -1.48 -15.92
N VAL D 199 10.54 -1.09 -15.15
CA VAL D 199 10.44 0.27 -14.69
C VAL D 199 10.08 0.19 -13.22
N ASN D 200 10.89 0.82 -12.38
CA ASN D 200 10.69 0.78 -10.93
C ASN D 200 10.94 2.15 -10.37
N SER D 201 10.37 2.43 -9.21
CA SER D 201 10.64 3.72 -8.57
C SER D 201 11.42 3.49 -7.27
N VAL D 202 12.23 4.47 -6.86
CA VAL D 202 13.07 4.36 -5.67
C VAL D 202 12.68 5.50 -4.72
N HIS D 203 12.59 5.18 -3.43
CA HIS D 203 11.95 6.07 -2.49
C HIS D 203 12.87 6.34 -1.32
N PRO D 204 13.81 7.29 -1.49
CA PRO D 204 14.72 7.60 -0.38
C PRO D 204 14.05 8.36 0.73
N GLY D 205 14.54 8.18 1.95
CA GLY D 205 14.33 9.17 3.00
C GLY D 205 15.32 10.28 2.74
N PRO D 206 15.69 11.05 3.80
CA PRO D 206 16.64 12.13 3.66
C PRO D 206 17.96 11.60 3.12
N VAL D 207 18.55 12.32 2.17
CA VAL D 207 19.84 11.90 1.56
C VAL D 207 20.85 13.05 1.73
N ASN D 208 22.10 12.73 2.06
CA ASN D 208 23.11 13.75 2.35
C ASN D 208 23.66 14.43 1.07
N THR D 209 22.90 15.38 0.53
CA THR D 209 23.25 16.06 -0.72
C THR D 209 23.10 17.57 -0.58
N PRO D 210 23.51 18.34 -1.62
CA PRO D 210 23.33 19.78 -1.53
C PRO D 210 21.87 20.24 -1.57
N MET D 211 20.93 19.31 -1.71
CA MET D 211 19.51 19.63 -1.50
C MET D 211 19.33 20.08 -0.05
N GLY D 212 20.31 19.72 0.80
CA GLY D 212 20.46 20.29 2.15
C GLY D 212 21.20 21.63 2.24
N SER D 213 21.71 22.15 1.11
CA SER D 213 22.54 23.39 1.08
C SER D 213 21.72 24.69 1.27
N GLY D 214 22.34 25.85 0.98
CA GLY D 214 21.76 27.18 1.28
C GLY D 214 20.82 27.25 2.50
N ASP D 215 19.62 27.75 2.28
CA ASP D 215 18.68 27.96 3.38
C ASP D 215 17.71 26.81 3.66
N MET D 216 18.04 25.58 3.22
CA MET D 216 17.09 24.44 3.34
C MET D 216 16.71 24.12 4.78
N VAL D 217 17.71 23.96 5.64
CA VAL D 217 17.47 23.69 7.07
C VAL D 217 16.58 24.80 7.65
N THR D 218 16.82 26.06 7.24
CA THR D 218 15.97 27.18 7.65
C THR D 218 14.53 27.04 7.12
N ALA D 219 14.37 26.78 5.82
CA ALA D 219 13.04 26.52 5.26
C ALA D 219 12.32 25.39 5.99
N VAL D 220 13.05 24.32 6.33
CA VAL D 220 12.48 23.20 7.09
C VAL D 220 11.95 23.63 8.45
N GLY D 221 12.80 24.26 9.28
CA GLY D 221 12.36 24.70 10.59
C GLY D 221 11.17 25.66 10.49
N GLN D 222 11.21 26.58 9.52
CA GLN D 222 10.10 27.54 9.36
C GLN D 222 8.75 26.87 9.08
N ALA D 223 8.76 25.87 8.19
CA ALA D 223 7.55 25.09 7.93
C ALA D 223 7.09 24.34 9.18
N MET D 224 8.02 23.67 9.86
CA MET D 224 7.72 22.84 11.03
C MET D 224 7.01 23.63 12.11
N GLU D 225 7.39 24.89 12.23
CA GLU D 225 6.77 25.80 13.16
C GLU D 225 5.25 25.94 12.96
N THR D 226 4.76 25.81 11.73
CA THR D 226 3.32 25.97 11.48
C THR D 226 2.48 24.77 11.98
N ASN D 227 3.12 23.62 12.24
CA ASN D 227 2.43 22.47 12.84
C ASN D 227 3.40 21.50 13.52
N PRO D 228 3.80 21.80 14.78
CA PRO D 228 4.72 20.91 15.51
C PRO D 228 4.26 19.44 15.57
N GLN D 229 2.97 19.17 15.48
CA GLN D 229 2.45 17.79 15.59
C GLN D 229 3.04 16.87 14.51
N LEU D 230 3.42 17.49 13.41
CA LEU D 230 3.93 16.78 12.24
C LEU D 230 5.45 16.51 12.25
N SER D 231 6.13 16.75 13.37
CA SER D 231 7.59 16.76 13.41
C SER D 231 8.29 15.42 13.18
N HIS D 232 7.54 14.32 13.32
CA HIS D 232 8.14 12.99 13.46
C HIS D 232 7.82 12.05 12.32
N VAL D 233 7.21 12.59 11.27
CA VAL D 233 6.93 11.81 10.06
C VAL D 233 8.16 11.08 9.45
N LEU D 234 9.34 11.70 9.57
CA LEU D 234 10.54 11.09 8.99
C LEU D 234 11.41 10.30 9.99
N THR D 235 10.82 9.77 11.06
CA THR D 235 11.58 9.04 12.08
C THR D 235 11.95 7.66 11.55
N PRO D 236 13.22 7.26 11.67
CA PRO D 236 13.59 5.94 11.19
C PRO D 236 13.47 4.86 12.26
N PHE D 237 13.50 3.61 11.83
CA PHE D 237 13.72 2.48 12.75
C PHE D 237 15.19 2.23 13.05
N LEU D 238 16.06 2.55 12.10
CA LEU D 238 17.49 2.38 12.31
C LEU D 238 17.99 3.61 13.07
N PRO D 239 19.25 3.58 13.60
CA PRO D 239 19.72 4.77 14.33
C PRO D 239 19.90 6.01 13.44
N ASP D 240 20.05 5.81 12.14
CA ASP D 240 20.35 6.93 11.26
C ASP D 240 19.16 7.53 10.51
N TRP D 241 19.13 8.85 10.56
CA TRP D 241 18.11 9.65 9.89
C TRP D 241 18.36 9.89 8.44
N VAL D 242 19.61 9.75 8.02
CA VAL D 242 20.04 10.25 6.71
C VAL D 242 20.87 9.17 6.05
N ALA D 243 20.57 8.91 4.78
CA ALA D 243 21.36 8.04 3.94
C ALA D 243 22.42 8.85 3.15
N GLU D 244 23.51 8.20 2.80
CA GLU D 244 24.48 8.77 1.86
C GLU D 244 24.02 8.57 0.41
N PRO D 245 24.41 9.49 -0.50
CA PRO D 245 24.10 9.30 -1.94
C PRO D 245 24.55 7.93 -2.51
N GLU D 246 25.66 7.40 -1.98
CA GLU D 246 26.15 6.07 -2.37
C GLU D 246 25.19 4.94 -1.96
N ASP D 247 24.49 5.12 -0.85
CA ASP D 247 23.46 4.14 -0.46
C ASP D 247 22.34 4.07 -1.51
N ILE D 248 21.95 5.23 -2.06
CA ILE D 248 20.93 5.23 -3.12
C ILE D 248 21.51 4.62 -4.39
N ALA D 249 22.73 5.05 -4.78
CA ALA D 249 23.44 4.40 -5.91
C ALA D 249 23.53 2.88 -5.77
N ASP D 250 23.80 2.40 -4.56
CA ASP D 250 23.70 0.95 -4.28
C ASP D 250 22.40 0.30 -4.78
N THR D 251 21.26 0.93 -4.48
CA THR D 251 19.99 0.35 -4.86
C THR D 251 19.74 0.50 -6.38
N VAL D 252 19.98 1.70 -6.90
CA VAL D 252 19.80 1.96 -8.34
C VAL D 252 20.72 1.05 -9.19
N CYS D 253 21.95 0.85 -8.74
CA CYS D 253 22.84 -0.10 -9.43
C CYS D 253 22.27 -1.52 -9.44
N TRP D 254 21.75 -2.01 -8.30
CA TRP D 254 21.07 -3.31 -8.30
C TRP D 254 19.93 -3.37 -9.33
N LEU D 255 19.08 -2.36 -9.33
CA LEU D 255 17.98 -2.27 -10.26
C LEU D 255 18.42 -2.18 -11.73
N ALA D 256 19.52 -1.48 -12.00
CA ALA D 256 20.12 -1.49 -13.36
C ALA D 256 20.69 -2.84 -13.79
N SER D 257 21.17 -3.62 -12.82
CA SER D 257 21.91 -4.86 -13.10
C SER D 257 21.00 -6.00 -13.55
N ASP D 258 21.58 -7.05 -14.13
CA ASP D 258 20.79 -8.24 -14.49
C ASP D 258 20.32 -9.05 -13.28
N GLU D 259 20.73 -8.64 -12.08
CA GLU D 259 20.36 -9.37 -10.88
C GLU D 259 18.99 -8.91 -10.31
N SER D 260 18.32 -8.03 -11.05
CA SER D 260 16.94 -7.64 -10.76
C SER D 260 16.07 -7.74 -12.00
N ARG D 261 16.45 -8.64 -12.91
CA ARG D 261 15.74 -8.78 -14.20
C ARG D 261 14.21 -9.05 -14.10
N LYS D 262 13.75 -9.61 -12.97
CA LYS D 262 12.34 -9.95 -12.76
C LYS D 262 11.58 -8.91 -11.96
N VAL D 263 12.26 -7.84 -11.59
CA VAL D 263 11.70 -6.86 -10.66
C VAL D 263 11.21 -5.70 -11.51
N THR D 264 9.90 -5.44 -11.46
CA THR D 264 9.34 -4.31 -12.21
C THR D 264 8.05 -3.82 -11.59
N ALA D 265 7.71 -2.57 -11.88
CA ALA D 265 6.55 -1.89 -11.27
C ALA D 265 6.71 -1.71 -9.75
N ALA D 266 7.91 -1.94 -9.22
CA ALA D 266 8.10 -1.92 -7.76
C ALA D 266 8.45 -0.57 -7.18
N GLN D 267 8.05 -0.38 -5.93
CA GLN D 267 8.42 0.75 -5.13
CA GLN D 267 8.41 0.74 -5.08
C GLN D 267 9.47 0.26 -4.10
N ILE D 268 10.71 0.72 -4.27
CA ILE D 268 11.83 0.31 -3.41
C ILE D 268 12.23 1.48 -2.48
N PRO D 269 11.91 1.35 -1.19
CA PRO D 269 12.27 2.42 -0.27
C PRO D 269 13.70 2.26 0.25
N VAL D 270 14.38 3.40 0.43
CA VAL D 270 15.71 3.41 1.06
C VAL D 270 15.63 4.52 2.11
N ASP D 271 15.01 4.18 3.23
CA ASP D 271 14.53 5.18 4.14
C ASP D 271 14.70 4.78 5.60
N GLN D 272 15.52 3.75 5.88
CA GLN D 272 15.80 3.32 7.26
C GLN D 272 14.47 2.98 7.99
N GLY D 273 13.45 2.57 7.23
CA GLY D 273 12.14 2.21 7.79
C GLY D 273 11.07 3.31 7.94
N SER D 274 11.38 4.57 7.61
CA SER D 274 10.43 5.68 7.92
C SER D 274 9.04 5.60 7.29
N THR D 275 8.93 5.02 6.10
CA THR D 275 7.62 4.84 5.45
C THR D 275 6.67 3.89 6.20
N GLN D 276 7.21 3.08 7.09
CA GLN D 276 6.40 2.24 7.99
C GLN D 276 6.35 2.81 9.41
N TYR D 277 6.93 3.99 9.61
CA TYR D 277 6.85 4.69 10.90
C TYR D 277 5.58 5.54 10.96
PA NAD E . 9.90 -25.79 -1.93
O1A NAD E . 10.77 -26.36 -2.99
O2A NAD E . 8.78 -26.63 -1.39
O5B NAD E . 10.87 -25.33 -0.73
C5B NAD E . 10.42 -25.12 0.58
C4B NAD E . 11.35 -25.90 1.49
O4B NAD E . 10.98 -25.59 2.83
C3B NAD E . 11.20 -27.42 1.30
O3B NAD E . 12.49 -28.07 1.27
C2B NAD E . 10.41 -27.84 2.53
O2B NAD E . 10.73 -29.18 2.98
C1B NAD E . 10.84 -26.79 3.57
N9A NAD E . 9.84 -26.68 4.65
C8A NAD E . 8.47 -26.60 4.50
N7A NAD E . 7.86 -26.53 5.70
C5A NAD E . 8.84 -26.58 6.66
C6A NAD E . 8.90 -26.54 8.14
N6A NAD E . 7.78 -26.46 8.91
N1A NAD E . 10.13 -26.56 8.73
C2A NAD E . 11.27 -26.65 8.02
N3A NAD E . 11.29 -26.71 6.68
C4A NAD E . 10.13 -26.66 5.96
O3 NAD E . 9.26 -24.36 -2.38
PN NAD E . 10.03 -22.95 -2.50
O1N NAD E . 9.45 -22.31 -3.75
O2N NAD E . 11.52 -23.11 -2.50
O5D NAD E . 9.56 -22.17 -1.19
C5D NAD E . 10.36 -21.26 -0.40
C4D NAD E . 9.50 -20.06 0.09
O4D NAD E . 9.03 -19.31 -1.04
C3D NAD E . 8.23 -20.44 0.89
O3D NAD E . 8.01 -19.53 2.04
C2D NAD E . 7.11 -20.26 -0.12
O2D NAD E . 5.82 -20.05 0.48
C1D NAD E . 7.62 -19.04 -0.88
N1N NAD E . 7.02 -18.80 -2.21
C2N NAD E . 7.09 -19.71 -3.22
C3N NAD E . 6.56 -19.43 -4.47
C7N NAD E . 6.65 -20.42 -5.61
O7N NAD E . 5.97 -20.23 -6.62
N7N NAD E . 7.47 -21.46 -5.53
C4N NAD E . 5.93 -18.19 -4.68
C5N NAD E . 5.85 -17.26 -3.62
C6N NAD E . 6.41 -17.62 -2.41
PA NAD F . -17.97 13.05 -16.77
O1A NAD F . -19.41 12.71 -17.11
O2A NAD F . -17.03 13.42 -17.88
O5B NAD F . -17.98 14.15 -15.61
C5B NAD F . -16.84 15.01 -15.45
C4B NAD F . -17.29 16.46 -15.48
O4B NAD F . -16.20 17.29 -15.12
C3B NAD F . -17.79 16.92 -16.84
O3B NAD F . -19.02 17.66 -16.62
C2B NAD F . -16.70 17.87 -17.33
O2B NAD F . -17.19 18.94 -18.15
C1B NAD F . -16.17 18.41 -16.01
N9A NAD F . -14.82 18.90 -16.20
C8A NAD F . -13.83 18.25 -16.86
N7A NAD F . -12.71 19.01 -16.89
C5A NAD F . -12.96 20.16 -16.21
C6A NAD F . -12.19 21.37 -15.86
N6A NAD F . -10.89 21.51 -16.27
N1A NAD F . -12.83 22.33 -15.16
C2A NAD F . -14.12 22.17 -14.77
N3A NAD F . -14.89 21.10 -15.06
C4A NAD F . -14.37 20.09 -15.77
O3 NAD F . -17.23 11.84 -16.03
PN NAD F . -17.44 11.32 -14.53
O1N NAD F . -17.26 9.82 -14.63
O2N NAD F . -18.65 11.95 -13.82
O5D NAD F . -16.14 11.98 -13.87
C5D NAD F . -16.04 12.21 -12.46
C4D NAD F . -14.63 11.93 -11.91
O4D NAD F . -14.45 10.53 -11.64
C3D NAD F . -13.42 12.36 -12.75
O3D NAD F . -12.44 12.93 -11.83
C2D NAD F . -12.91 11.06 -13.30
O2D NAD F . -11.51 11.10 -13.60
C1D NAD F . -13.22 10.07 -12.16
N1N NAD F . -13.36 8.65 -12.51
C2N NAD F . -14.25 8.24 -13.45
C3N NAD F . -14.37 6.88 -13.78
C7N NAD F . -15.37 6.42 -14.80
O7N NAD F . -15.38 5.25 -15.14
N7N NAD F . -16.29 7.26 -15.27
C4N NAD F . -13.58 5.93 -13.10
C5N NAD F . -12.68 6.39 -12.13
C6N NAD F . -12.59 7.74 -11.86
PA NAD G . -12.45 -5.01 24.25
O1A NAD G . -13.20 -4.06 25.09
O2A NAD G . -11.37 -5.88 24.90
O5B NAD G . -13.43 -5.84 23.30
C5B NAD G . -13.06 -7.13 22.84
C4B NAD G . -14.13 -8.13 23.23
O4B NAD G . -13.83 -9.35 22.52
C3B NAD G . -14.11 -8.46 24.72
O3B NAD G . -15.48 -8.49 25.24
C2B NAD G . -13.47 -9.86 24.75
O2B NAD G . -13.91 -10.68 25.85
C1B NAD G . -13.90 -10.45 23.42
N9A NAD G . -13.02 -11.56 23.02
C8A NAD G . -11.67 -11.58 23.03
N7A NAD G . -11.19 -12.78 22.59
C5A NAD G . -12.26 -13.55 22.31
C6A NAD G . -12.45 -14.92 21.82
N6A NAD G . -11.36 -15.70 21.55
N1A NAD G . -13.70 -15.35 21.65
C2A NAD G . -14.79 -14.57 21.90
N3A NAD G . -14.71 -13.30 22.36
C4A NAD G . -13.47 -12.75 22.59
O3 NAD G . -11.69 -4.08 23.15
PN NAD G . -12.25 -3.47 21.75
O1N NAD G . -11.39 -2.28 21.47
O2N NAD G . -13.75 -3.28 21.77
O5D NAD G . -11.84 -4.59 20.67
C5D NAD G . -12.54 -4.76 19.45
C4D NAD G . -11.60 -5.00 18.25
O4D NAD G . -10.94 -3.78 17.87
C3D NAD G . -10.47 -6.02 18.50
O3D NAD G . -10.35 -6.87 17.34
C2D NAD G . -9.24 -5.13 18.69
O2D NAD G . -8.00 -5.80 18.44
C1D NAD G . -9.53 -3.99 17.74
N1N NAD G . -8.87 -2.71 17.98
C2N NAD G . -8.93 -2.08 19.19
C3N NAD G . -8.29 -0.85 19.36
C7N NAD G . -8.35 -0.10 20.66
O7N NAD G . -7.64 0.86 20.82
N7N NAD G . -9.20 -0.45 21.61
C4N NAD G . -7.61 -0.25 18.28
C5N NAD G . -7.58 -0.91 17.04
C6N NAD G . -8.23 -2.14 16.94
C1 MPD H . 1.89 3.54 19.78
C2 MPD H . 2.71 3.69 21.04
O2 MPD H . 3.96 4.23 20.60
CM MPD H . 2.02 4.68 22.00
C3 MPD H . 2.97 2.36 21.75
C4 MPD H . 1.94 1.28 21.51
O4 MPD H . 2.13 0.73 20.19
C5 MPD H . 2.04 0.17 22.55
C1 MPD I . -16.39 -30.52 22.14
C2 MPD I . -17.41 -30.51 21.01
O2 MPD I . -17.49 -29.16 20.54
CM MPD I . -16.92 -31.44 19.89
C3 MPD I . -18.80 -31.02 21.42
C4 MPD I . -19.59 -30.09 22.34
O4 MPD I . -19.72 -28.85 21.64
C5 MPD I . -20.97 -30.66 22.68
PA NAD J . 20.40 17.84 -5.61
O1A NAD J . 21.81 17.82 -5.11
O2A NAD J . 19.70 19.17 -5.74
O5B NAD J . 20.52 17.17 -7.06
C5B NAD J . 19.44 17.29 -7.98
C4B NAD J . 20.05 17.72 -9.30
O4B NAD J . 19.01 17.76 -10.26
C3B NAD J . 20.68 19.11 -9.24
O3B NAD J . 21.98 18.99 -9.86
C2B NAD J . 19.76 19.95 -10.11
O2B NAD J . 20.46 20.94 -10.86
C1B NAD J . 19.15 18.91 -11.06
N9A NAD J . 17.87 19.38 -11.58
C8A NAD J . 16.86 19.95 -10.89
N7A NAD J . 15.82 20.30 -11.69
C5A NAD J . 16.16 19.96 -12.95
C6A NAD J . 15.52 20.07 -14.29
N6A NAD J . 14.28 20.62 -14.44
N1A NAD J . 16.23 19.62 -15.37
C2A NAD J . 17.47 19.06 -15.23
N3A NAD J . 18.11 18.93 -14.04
C4A NAD J . 17.51 19.36 -12.89
O3 NAD J . 19.47 16.83 -4.76
PN NAD J . 19.52 15.20 -4.70
O1N NAD J . 19.26 14.79 -3.31
O2N NAD J . 20.75 14.62 -5.39
O5D NAD J . 18.20 14.81 -5.50
C5D NAD J . 18.07 13.81 -6.52
C4D NAD J . 16.63 13.27 -6.48
O4D NAD J . 16.37 12.65 -5.21
C3D NAD J . 15.52 14.32 -6.67
O3D NAD J . 14.48 13.73 -7.51
C2D NAD J . 14.97 14.51 -5.27
O2D NAD J . 13.64 14.98 -5.24
C1D NAD J . 15.08 13.08 -4.74
N1N NAD J . 15.08 12.94 -3.30
C2N NAD J . 15.98 13.64 -2.53
C3N NAD J . 16.00 13.51 -1.15
C7N NAD J . 16.98 14.27 -0.28
O7N NAD J . 16.78 14.31 0.92
N7N NAD J . 18.08 14.85 -0.80
C4N NAD J . 15.07 12.63 -0.57
C5N NAD J . 14.16 11.90 -1.36
C6N NAD J . 14.19 12.07 -2.75
#